data_8ZXB
#
_entry.id   8ZXB
#
_cell.length_a   67.080
_cell.length_b   79.080
_cell.length_c   91.980
_cell.angle_alpha   96.92
_cell.angle_beta   108.47
_cell.angle_gamma   113.09
#
_symmetry.space_group_name_H-M   'P 1'
#
loop_
_entity.id
_entity.type
_entity.pdbx_description
1 polymer 'Branched-chain amino acid aminotransferase'
2 non-polymer "PYRIDOXAL-5'-PHOSPHATE"
3 water water
#
_entity_poly.entity_id   1
_entity_poly.type   'polypeptide(L)'
_entity_poly.pdbx_seq_one_letter_code
;AVEPGAIREDTPPGSVIQYSDYELDHSSPFAGGVAWIEGEFLPAEDAKISIFDTGFGHSDLTYTVAHVWHGNIFRLGDHL
DRLLDGARKLRLDAGYTKDELADITKQCVSMSQLRESFVNLTVTRGYGKRRGEKDLSKLTHQVYIYAIPYLWAFPPAEQI
FGTTAIVPRHVRRAGRNTVDPTIKNYQWGDLTAASFEAKDRGARTAILLDSDNCVAEGPGFNVCIVKDGKLASPSRNALP
GITRKTVFEIADQMGIEATLRDVTSHELYDADELMAVTTAGGVTPINSLDGEAIGNGAPGPMTVAIRDRFWALMDEPGPL
IEAIEY
;
_entity_poly.pdbx_strand_id   A,B,C,D
#
loop_
_chem_comp.id
_chem_comp.type
_chem_comp.name
_chem_comp.formula
PLP non-polymer PYRIDOXAL-5'-PHOSPHATE 'C8 H10 N O6 P'
#
# COMPACT_ATOMS: atom_id res chain seq x y z
N ILE A 7 -25.67 -21.76 -27.97
CA ILE A 7 -26.73 -22.04 -27.00
C ILE A 7 -26.28 -23.13 -25.97
N ARG A 8 -25.37 -24.00 -26.39
CA ARG A 8 -24.88 -25.04 -25.50
C ARG A 8 -23.46 -25.38 -25.89
N GLU A 9 -22.77 -26.05 -24.98
CA GLU A 9 -21.39 -26.45 -25.12
C GLU A 9 -21.25 -27.84 -24.52
N ASP A 10 -20.20 -28.55 -24.91
CA ASP A 10 -19.96 -29.87 -24.34
C ASP A 10 -19.70 -29.75 -22.84
N THR A 11 -20.29 -30.65 -22.07
CA THR A 11 -20.00 -30.77 -20.65
C THR A 11 -19.63 -32.22 -20.37
N PRO A 12 -18.85 -32.49 -19.33
CA PRO A 12 -18.38 -33.86 -19.05
C PRO A 12 -19.54 -34.82 -18.84
N PRO A 13 -19.52 -35.96 -19.53
CA PRO A 13 -20.67 -36.88 -19.46
C PRO A 13 -20.88 -37.46 -18.08
N GLY A 14 -22.15 -37.52 -17.67
CA GLY A 14 -22.47 -38.04 -16.35
C GLY A 14 -22.15 -37.11 -15.21
N SER A 15 -21.59 -35.93 -15.48
CA SER A 15 -21.24 -34.94 -14.47
C SER A 15 -22.48 -34.15 -14.03
N VAL A 16 -22.31 -33.39 -12.95
CA VAL A 16 -23.39 -32.60 -12.38
C VAL A 16 -23.82 -31.45 -13.30
N ILE A 17 -23.01 -31.08 -14.29
CA ILE A 17 -23.30 -29.97 -15.19
C ILE A 17 -23.83 -30.45 -16.54
N GLN A 18 -25.12 -30.23 -16.80
CA GLN A 18 -25.70 -30.60 -18.09
C GLN A 18 -26.66 -29.51 -18.56
N TYR A 19 -26.50 -29.10 -19.82
CA TYR A 19 -27.38 -28.13 -20.45
C TYR A 19 -28.76 -28.74 -20.72
N SER A 20 -29.74 -27.87 -20.87
CA SER A 20 -31.07 -28.32 -21.27
C SER A 20 -31.06 -28.78 -22.73
N ASP A 21 -32.02 -29.64 -23.07
CA ASP A 21 -32.14 -30.15 -24.44
C ASP A 21 -33.38 -29.48 -25.04
N TYR A 22 -33.16 -28.58 -25.99
CA TYR A 22 -34.23 -27.77 -26.57
C TYR A 22 -33.69 -27.05 -27.79
N GLU A 23 -34.59 -26.47 -28.56
CA GLU A 23 -34.26 -25.74 -29.77
C GLU A 23 -34.83 -24.32 -29.68
N LEU A 24 -34.06 -23.36 -30.21
CA LEU A 24 -34.50 -21.99 -30.38
C LEU A 24 -35.47 -21.86 -31.56
N ASP A 25 -36.42 -20.93 -31.43
CA ASP A 25 -37.33 -20.55 -32.52
C ASP A 25 -36.76 -19.33 -33.23
N HIS A 26 -36.14 -19.55 -34.38
CA HIS A 26 -35.41 -18.49 -35.05
C HIS A 26 -36.32 -17.54 -35.82
N SER A 27 -37.63 -17.79 -35.80
CA SER A 27 -38.57 -16.80 -36.34
C SER A 27 -38.55 -15.53 -35.52
N SER A 28 -38.28 -15.66 -34.20
CA SER A 28 -38.18 -14.51 -33.31
C SER A 28 -36.83 -13.85 -33.46
N PRO A 29 -36.79 -12.53 -33.66
CA PRO A 29 -35.50 -11.84 -33.65
C PRO A 29 -34.85 -11.86 -32.27
N PHE A 30 -35.66 -12.04 -31.22
CA PHE A 30 -35.16 -12.10 -29.85
C PHE A 30 -34.44 -13.41 -29.54
N ALA A 31 -34.61 -14.44 -30.37
CA ALA A 31 -34.09 -15.78 -30.05
C ALA A 31 -32.57 -15.74 -29.87
N GLY A 32 -32.12 -16.23 -28.70
CA GLY A 32 -30.70 -16.36 -28.44
C GLY A 32 -30.06 -15.19 -27.70
N GLY A 33 -30.71 -14.03 -27.63
CA GLY A 33 -30.17 -12.93 -26.85
C GLY A 33 -31.08 -11.71 -26.81
N VAL A 34 -31.30 -11.15 -25.62
CA VAL A 34 -32.18 -9.98 -25.47
C VAL A 34 -31.47 -8.93 -24.62
N ALA A 35 -31.55 -7.68 -25.06
CA ALA A 35 -31.04 -6.53 -24.31
C ALA A 35 -32.15 -5.52 -24.09
N TRP A 36 -32.14 -4.89 -22.92
CA TRP A 36 -33.07 -3.84 -22.58
C TRP A 36 -32.26 -2.55 -22.42
N ILE A 37 -32.41 -1.61 -23.34
CA ILE A 37 -31.60 -0.42 -23.37
C ILE A 37 -32.49 0.77 -23.65
N GLU A 38 -32.39 1.79 -22.80
CA GLU A 38 -33.18 3.02 -22.93
C GLU A 38 -34.68 2.71 -23.01
N GLY A 39 -35.11 1.78 -22.15
CA GLY A 39 -36.53 1.46 -22.01
C GLY A 39 -37.13 0.51 -23.04
N GLU A 40 -36.34 0.00 -23.98
CA GLU A 40 -36.85 -0.85 -25.05
C GLU A 40 -36.09 -2.17 -25.08
N PHE A 41 -36.84 -3.27 -25.20
CA PHE A 41 -36.25 -4.60 -25.42
C PHE A 41 -35.75 -4.70 -26.85
N LEU A 42 -34.55 -5.25 -27.02
CA LEU A 42 -33.93 -5.34 -28.36
C LEU A 42 -33.24 -6.69 -28.55
N PRO A 43 -33.01 -7.18 -29.79
CA PRO A 43 -32.19 -8.37 -29.97
C PRO A 43 -30.82 -8.00 -29.47
N ALA A 44 -30.09 -8.97 -28.92
CA ALA A 44 -28.76 -8.73 -28.32
C ALA A 44 -27.78 -8.23 -29.38
N GLU A 45 -27.86 -8.75 -30.60
CA GLU A 45 -26.85 -8.43 -31.64
C GLU A 45 -26.83 -6.92 -31.91
N ASP A 46 -27.99 -6.27 -31.91
CA ASP A 46 -28.07 -4.82 -32.22
C ASP A 46 -27.86 -3.97 -30.96
N ALA A 47 -27.69 -4.59 -29.78
CA ALA A 47 -27.66 -3.76 -28.55
C ALA A 47 -26.47 -2.81 -28.60
N LYS A 48 -26.72 -1.54 -28.27
CA LYS A 48 -25.66 -0.51 -28.38
C LYS A 48 -25.95 0.62 -27.39
N ILE A 49 -24.90 1.28 -26.91
CA ILE A 49 -25.04 2.38 -25.97
C ILE A 49 -24.27 3.59 -26.46
N SER A 50 -24.70 4.77 -26.00
CA SER A 50 -24.01 5.98 -26.41
C SER A 50 -22.56 5.95 -25.98
N ILE A 51 -21.66 6.30 -26.89
CA ILE A 51 -20.24 6.37 -26.56
C ILE A 51 -19.99 7.42 -25.49
N PHE A 52 -20.91 8.37 -25.32
CA PHE A 52 -20.76 9.44 -24.35
C PHE A 52 -21.27 9.08 -22.96
N ASP A 53 -21.83 7.87 -22.75
CA ASP A 53 -22.23 7.47 -21.42
C ASP A 53 -20.99 7.48 -20.54
N THR A 54 -21.10 8.09 -19.35
CA THR A 54 -19.91 8.16 -18.49
C THR A 54 -19.58 6.79 -17.91
N GLY A 55 -20.52 5.85 -18.03
CA GLY A 55 -20.20 4.45 -17.79
C GLY A 55 -19.08 3.93 -18.68
N PHE A 56 -18.89 4.54 -19.84
CA PHE A 56 -17.75 4.23 -20.69
C PHE A 56 -16.56 5.09 -20.29
N GLY A 57 -16.66 6.41 -20.48
CA GLY A 57 -15.50 7.26 -20.35
C GLY A 57 -14.90 7.31 -18.95
N HIS A 58 -15.72 7.11 -17.91
CA HIS A 58 -15.20 7.08 -16.55
C HIS A 58 -15.44 5.74 -15.87
N SER A 59 -15.96 4.75 -16.58
CA SER A 59 -16.37 3.49 -15.97
C SER A 59 -17.18 3.76 -14.70
N ASP A 60 -18.06 4.78 -14.79
CA ASP A 60 -18.81 5.27 -13.64
C ASP A 60 -20.13 4.49 -13.55
N LEU A 61 -20.04 3.32 -12.93
CA LEU A 61 -21.13 2.36 -12.98
C LEU A 61 -20.93 1.29 -11.92
N THR A 62 -21.99 0.54 -11.69
CA THR A 62 -21.89 -0.77 -11.04
C THR A 62 -22.81 -1.71 -11.80
N TYR A 63 -22.71 -3.00 -11.49
CA TYR A 63 -23.47 -4.03 -12.21
C TYR A 63 -23.58 -5.28 -11.36
N THR A 64 -24.43 -6.19 -11.82
CA THR A 64 -24.42 -7.54 -11.28
C THR A 64 -24.70 -8.50 -12.42
N VAL A 65 -24.36 -9.77 -12.19
CA VAL A 65 -24.64 -10.85 -13.14
C VAL A 65 -25.33 -11.97 -12.36
N ALA A 66 -26.45 -12.46 -12.89
CA ALA A 66 -27.13 -13.62 -12.36
C ALA A 66 -27.11 -14.68 -13.45
N HIS A 67 -27.25 -15.94 -13.10
CA HIS A 67 -27.29 -16.96 -14.15
C HIS A 67 -28.67 -17.62 -14.12
N VAL A 68 -29.03 -18.16 -15.28
CA VAL A 68 -30.22 -18.98 -15.45
C VAL A 68 -29.73 -20.37 -15.82
N TRP A 69 -30.25 -21.38 -15.15
CA TRP A 69 -29.88 -22.75 -15.43
C TRP A 69 -31.15 -23.58 -15.42
N HIS A 70 -31.35 -24.35 -16.49
CA HIS A 70 -32.54 -25.19 -16.65
C HIS A 70 -33.79 -24.35 -16.53
N GLY A 71 -33.72 -23.13 -17.06
CA GLY A 71 -34.86 -22.24 -17.02
C GLY A 71 -35.16 -21.59 -15.69
N ASN A 72 -34.27 -21.73 -14.68
CA ASN A 72 -34.48 -21.14 -13.36
C ASN A 72 -33.42 -20.07 -13.11
N ILE A 73 -33.86 -18.88 -12.74
CA ILE A 73 -32.92 -17.82 -12.36
C ILE A 73 -32.54 -17.92 -10.88
N PHE A 74 -31.26 -17.72 -10.59
CA PHE A 74 -30.71 -18.08 -9.29
C PHE A 74 -30.46 -16.81 -8.47
N ARG A 75 -31.14 -16.72 -7.32
CA ARG A 75 -30.92 -15.68 -6.30
C ARG A 75 -31.03 -14.28 -6.89
N LEU A 76 -32.04 -14.10 -7.74
CA LEU A 76 -32.19 -12.80 -8.39
C LEU A 76 -32.38 -11.70 -7.37
N GLY A 77 -33.15 -11.98 -6.29
CA GLY A 77 -33.37 -10.97 -5.28
C GLY A 77 -32.08 -10.52 -4.59
N ASP A 78 -31.22 -11.48 -4.24
CA ASP A 78 -29.92 -11.12 -3.67
C ASP A 78 -29.10 -10.28 -4.64
N HIS A 79 -29.13 -10.60 -5.92
CA HIS A 79 -28.39 -9.83 -6.90
C HIS A 79 -28.91 -8.42 -7.01
N LEU A 80 -30.26 -8.25 -7.02
CA LEU A 80 -30.81 -6.90 -7.09
C LEU A 80 -30.49 -6.11 -5.82
N ASP A 81 -30.55 -6.76 -4.65
CA ASP A 81 -30.18 -6.06 -3.42
C ASP A 81 -28.74 -5.58 -3.50
N ARG A 82 -27.84 -6.44 -3.98
CA ARG A 82 -26.43 -6.05 -4.07
C ARG A 82 -26.23 -4.92 -5.06
N LEU A 83 -26.86 -5.03 -6.23
CA LEU A 83 -26.72 -4.02 -7.26
C LEU A 83 -27.20 -2.66 -6.77
N LEU A 84 -28.37 -2.63 -6.12
CA LEU A 84 -28.96 -1.37 -5.66
C LEU A 84 -28.18 -0.80 -4.48
N ASP A 85 -27.65 -1.67 -3.63
CA ASP A 85 -26.86 -1.18 -2.50
C ASP A 85 -25.58 -0.51 -3.00
N GLY A 86 -24.89 -1.15 -3.95
CA GLY A 86 -23.71 -0.53 -4.53
C GLY A 86 -24.05 0.75 -5.28
N ALA A 87 -25.18 0.76 -6.02
CA ALA A 87 -25.56 1.98 -6.72
C ALA A 87 -25.75 3.13 -5.74
N ARG A 88 -26.40 2.87 -4.61
CA ARG A 88 -26.55 3.89 -3.60
C ARG A 88 -25.19 4.40 -3.10
N LYS A 89 -24.22 3.48 -2.88
CA LYS A 89 -22.89 3.93 -2.44
C LYS A 89 -22.23 4.81 -3.48
N LEU A 90 -22.52 4.59 -4.75
CA LEU A 90 -21.96 5.43 -5.83
C LEU A 90 -22.83 6.64 -6.15
N ARG A 91 -23.88 6.89 -5.38
CA ARG A 91 -24.80 7.99 -5.66
C ARG A 91 -25.46 7.84 -7.01
N LEU A 92 -25.80 6.61 -7.36
CA LEU A 92 -26.48 6.32 -8.61
C LEU A 92 -27.93 6.00 -8.28
N ASP A 93 -28.83 6.52 -9.09
CA ASP A 93 -30.27 6.27 -8.93
C ASP A 93 -30.76 5.50 -10.15
N ALA A 94 -31.11 4.22 -9.95
CA ALA A 94 -31.51 3.37 -11.06
C ALA A 94 -32.80 3.89 -11.71
N GLY A 95 -33.65 4.56 -10.95
CA GLY A 95 -34.92 5.04 -11.46
C GLY A 95 -36.00 3.97 -11.54
N TYR A 96 -35.67 2.75 -11.15
CA TYR A 96 -36.59 1.61 -11.14
C TYR A 96 -36.49 0.95 -9.78
N THR A 97 -37.62 0.43 -9.31
CA THR A 97 -37.63 -0.34 -8.08
C THR A 97 -37.06 -1.74 -8.33
N LYS A 98 -36.71 -2.41 -7.22
CA LYS A 98 -36.19 -3.78 -7.29
C LYS A 98 -37.19 -4.70 -8.01
N ASP A 99 -38.48 -4.56 -7.68
CA ASP A 99 -39.50 -5.40 -8.34
C ASP A 99 -39.58 -5.10 -9.83
N GLU A 100 -39.52 -3.82 -10.20
CA GLU A 100 -39.57 -3.46 -11.62
C GLU A 100 -38.37 -4.02 -12.37
N LEU A 101 -37.19 -3.92 -11.77
CA LEU A 101 -36.00 -4.48 -12.41
C LEU A 101 -36.11 -5.99 -12.54
N ALA A 102 -36.67 -6.63 -11.51
CA ALA A 102 -36.83 -8.09 -11.56
C ALA A 102 -37.73 -8.49 -12.71
N ASP A 103 -38.85 -7.77 -12.89
CA ASP A 103 -39.77 -8.10 -13.98
C ASP A 103 -39.10 -7.93 -15.33
N ILE A 104 -38.39 -6.81 -15.52
CA ILE A 104 -37.69 -6.58 -16.76
C ILE A 104 -36.64 -7.65 -17.01
N THR A 105 -35.88 -8.01 -15.97
CA THR A 105 -34.83 -9.00 -16.16
C THR A 105 -35.41 -10.33 -16.60
N LYS A 106 -36.48 -10.77 -15.92
CA LYS A 106 -37.09 -12.06 -16.22
C LYS A 106 -37.70 -12.05 -17.62
N GLN A 107 -38.30 -10.91 -18.02
CA GLN A 107 -38.78 -10.76 -19.39
C GLN A 107 -37.66 -10.83 -20.41
N CYS A 108 -36.49 -10.26 -20.10
CA CYS A 108 -35.37 -10.41 -21.02
C CYS A 108 -35.04 -11.87 -21.23
N VAL A 109 -34.99 -12.66 -20.14
CA VAL A 109 -34.66 -14.08 -20.28
C VAL A 109 -35.74 -14.79 -21.09
N SER A 110 -37.00 -14.54 -20.74
CA SER A 110 -38.11 -15.23 -21.41
C SER A 110 -38.07 -14.98 -22.91
N MET A 111 -37.90 -13.72 -23.31
CA MET A 111 -37.80 -13.39 -24.74
C MET A 111 -36.60 -14.02 -25.43
N SER A 112 -35.46 -14.17 -24.74
CA SER A 112 -34.30 -14.80 -25.37
C SER A 112 -34.54 -16.28 -25.66
N GLN A 113 -35.44 -16.92 -24.94
CA GLN A 113 -35.75 -18.37 -24.99
C GLN A 113 -34.63 -19.19 -24.38
N LEU A 114 -33.67 -18.56 -23.75
CA LEU A 114 -32.50 -19.28 -23.25
C LEU A 114 -32.83 -19.92 -21.91
N ARG A 115 -32.64 -21.24 -21.82
CA ARG A 115 -32.78 -22.00 -20.58
C ARG A 115 -31.50 -21.90 -19.72
N GLU A 116 -30.37 -21.71 -20.37
CA GLU A 116 -29.10 -21.44 -19.71
C GLU A 116 -28.62 -20.08 -20.19
N SER A 117 -28.37 -19.15 -19.27
CA SER A 117 -28.13 -17.78 -19.70
C SER A 117 -27.25 -17.05 -18.69
N PHE A 118 -26.52 -16.08 -19.20
CA PHE A 118 -25.73 -15.12 -18.45
C PHE A 118 -26.52 -13.80 -18.51
N VAL A 119 -26.94 -13.29 -17.36
CA VAL A 119 -27.84 -12.14 -17.24
C VAL A 119 -27.10 -11.00 -16.54
N ASN A 120 -26.99 -9.86 -17.22
CA ASN A 120 -26.23 -8.70 -16.73
C ASN A 120 -27.20 -7.56 -16.49
N LEU A 121 -27.09 -6.92 -15.32
CA LEU A 121 -27.77 -5.64 -15.06
C LEU A 121 -26.69 -4.62 -14.73
N THR A 122 -26.67 -3.51 -15.49
CA THR A 122 -25.66 -2.46 -15.29
C THR A 122 -26.34 -1.14 -15.04
N VAL A 123 -25.89 -0.40 -14.03
CA VAL A 123 -26.43 0.97 -13.76
C VAL A 123 -25.26 1.93 -13.97
N THR A 124 -25.46 2.98 -14.78
CA THR A 124 -24.36 3.89 -15.12
C THR A 124 -24.77 5.32 -14.83
N ARG A 125 -23.86 6.17 -14.71
CA ARG A 125 -24.12 7.58 -14.47
C ARG A 125 -24.75 8.26 -15.70
N GLY A 126 -24.40 7.71 -16.83
CA GLY A 126 -25.13 8.13 -18.04
C GLY A 126 -24.61 9.42 -18.61
N TYR A 127 -25.39 10.06 -19.47
CA TYR A 127 -24.93 11.29 -20.17
C TYR A 127 -25.92 12.43 -19.92
N THR A 140 -28.38 12.05 -16.58
CA THR A 140 -29.49 11.10 -16.36
C THR A 140 -28.96 9.66 -16.31
N HIS A 141 -29.13 8.97 -15.16
CA HIS A 141 -28.50 7.65 -15.00
C HIS A 141 -29.21 6.62 -15.85
N GLN A 142 -28.47 5.62 -16.31
CA GLN A 142 -28.95 4.66 -17.28
C GLN A 142 -28.89 3.26 -16.69
N VAL A 143 -29.90 2.46 -17.01
CA VAL A 143 -29.96 1.04 -16.67
C VAL A 143 -29.91 0.25 -17.97
N TYR A 144 -28.97 -0.69 -18.04
CA TYR A 144 -28.84 -1.57 -19.19
C TYR A 144 -28.93 -3.01 -18.71
N ILE A 145 -29.72 -3.84 -19.40
CA ILE A 145 -29.88 -5.24 -19.01
C ILE A 145 -29.73 -6.12 -20.23
N TYR A 146 -29.04 -7.25 -20.09
CA TYR A 146 -29.08 -8.20 -21.19
C TYR A 146 -29.08 -9.65 -20.70
N ALA A 147 -29.71 -10.53 -21.50
CA ALA A 147 -29.66 -11.97 -21.28
C ALA A 147 -29.11 -12.62 -22.55
N ILE A 148 -27.99 -13.34 -22.42
CA ILE A 148 -27.23 -13.89 -23.55
C ILE A 148 -26.87 -15.34 -23.22
N PRO A 149 -26.36 -16.14 -24.16
CA PRO A 149 -26.09 -17.55 -23.84
C PRO A 149 -25.08 -17.69 -22.70
N TYR A 150 -25.17 -18.81 -22.01
CA TYR A 150 -24.37 -19.03 -20.79
C TYR A 150 -22.87 -18.85 -21.07
N LEU A 151 -22.21 -18.14 -20.14
CA LEU A 151 -20.78 -17.86 -20.25
C LEU A 151 -20.04 -18.58 -19.12
N TRP A 152 -18.85 -19.07 -19.42
CA TRP A 152 -18.07 -19.84 -18.43
C TRP A 152 -16.77 -19.09 -18.09
N ALA A 153 -16.60 -18.73 -16.81
CA ALA A 153 -15.31 -18.18 -16.40
C ALA A 153 -14.21 -19.23 -16.56
N PHE A 154 -14.50 -20.48 -16.24
CA PHE A 154 -13.64 -21.61 -16.56
C PHE A 154 -14.48 -22.62 -17.33
N PRO A 155 -13.91 -23.32 -18.30
CA PRO A 155 -14.69 -24.27 -19.12
C PRO A 155 -15.33 -25.35 -18.27
N PRO A 156 -16.44 -25.93 -18.75
CA PRO A 156 -17.04 -27.05 -18.00
C PRO A 156 -16.07 -28.16 -17.61
N ALA A 157 -15.11 -28.49 -18.46
CA ALA A 157 -14.15 -29.53 -18.13
C ALA A 157 -13.35 -29.17 -16.88
N GLU A 158 -12.99 -27.88 -16.74
CA GLU A 158 -12.24 -27.43 -15.57
C GLU A 158 -13.13 -27.36 -14.32
N GLN A 159 -14.43 -27.08 -14.47
CA GLN A 159 -15.32 -27.17 -13.32
C GLN A 159 -15.29 -28.56 -12.72
N ILE A 160 -15.21 -29.58 -13.58
CA ILE A 160 -15.22 -30.96 -13.11
C ILE A 160 -13.84 -31.45 -12.71
N PHE A 161 -12.81 -31.18 -13.53
CA PHE A 161 -11.50 -31.77 -13.31
C PHE A 161 -10.46 -30.79 -12.77
N GLY A 162 -10.81 -29.51 -12.62
CA GLY A 162 -9.97 -28.53 -11.95
C GLY A 162 -9.14 -27.69 -12.91
N THR A 163 -8.66 -26.55 -12.40
CA THR A 163 -7.91 -25.58 -13.18
C THR A 163 -6.56 -25.29 -12.51
N THR A 164 -5.77 -24.43 -13.12
CA THR A 164 -4.44 -24.09 -12.59
C THR A 164 -4.36 -22.58 -12.33
N ALA A 165 -3.59 -22.19 -11.30
CA ALA A 165 -3.47 -20.77 -10.96
C ALA A 165 -2.03 -20.39 -10.67
N ILE A 166 -1.76 -19.09 -10.78
CA ILE A 166 -0.51 -18.51 -10.27
C ILE A 166 -0.84 -17.31 -9.40
N VAL A 167 0.13 -16.91 -8.58
CA VAL A 167 0.05 -15.63 -7.88
C VAL A 167 0.89 -14.64 -8.66
N PRO A 168 0.35 -13.49 -9.11
CA PRO A 168 1.19 -12.59 -9.93
C PRO A 168 2.43 -12.09 -9.22
N ARG A 169 3.55 -12.07 -9.95
CA ARG A 169 4.74 -11.40 -9.47
C ARG A 169 4.63 -9.90 -9.55
N HIS A 170 3.85 -9.39 -10.51
CA HIS A 170 3.90 -7.97 -10.86
C HIS A 170 2.67 -7.18 -10.59
N VAL A 171 1.58 -7.82 -10.14
CA VAL A 171 0.27 -7.18 -10.02
C VAL A 171 -0.27 -7.44 -8.62
N ARG A 172 -0.99 -6.47 -8.08
CA ARG A 172 -1.79 -6.67 -6.86
C ARG A 172 -3.21 -6.21 -7.15
N ARG A 173 -4.18 -6.68 -6.34
CA ARG A 173 -5.54 -6.17 -6.48
C ARG A 173 -5.63 -4.73 -6.00
N ALA A 174 -6.39 -3.92 -6.73
CA ALA A 174 -6.72 -2.57 -6.24
C ALA A 174 -7.41 -2.63 -4.89
N GLY A 175 -7.02 -1.73 -3.98
CA GLY A 175 -7.57 -1.71 -2.65
C GLY A 175 -8.90 -0.98 -2.53
N ARG A 176 -9.58 -1.21 -1.42
CA ARG A 176 -10.91 -0.63 -1.22
C ARG A 176 -10.91 0.91 -1.22
N ASN A 177 -9.76 1.52 -0.96
CA ASN A 177 -9.60 2.97 -0.96
C ASN A 177 -9.15 3.54 -2.30
N THR A 178 -9.12 2.72 -3.35
CA THR A 178 -8.76 3.21 -4.68
C THR A 178 -9.91 2.92 -5.55
N VAL A 179 -9.84 1.89 -6.42
CA VAL A 179 -10.98 1.37 -7.19
C VAL A 179 -11.53 0.23 -6.34
N ASP A 180 -12.64 0.49 -5.66
CA ASP A 180 -13.11 -0.40 -4.58
C ASP A 180 -13.65 -1.73 -5.09
N PRO A 181 -13.02 -2.86 -4.78
CA PRO A 181 -13.50 -4.16 -5.25
C PRO A 181 -14.80 -4.58 -4.59
N THR A 182 -15.19 -3.94 -3.47
CA THR A 182 -16.41 -4.37 -2.82
C THR A 182 -17.67 -3.87 -3.52
N ILE A 183 -17.52 -2.97 -4.50
CA ILE A 183 -18.64 -2.59 -5.36
C ILE A 183 -18.33 -3.11 -6.74
N LYS A 184 -19.17 -4.02 -7.23
CA LYS A 184 -18.84 -4.69 -8.49
C LYS A 184 -18.68 -3.68 -9.62
N ASN A 185 -17.61 -3.84 -10.39
CA ASN A 185 -17.29 -2.79 -11.34
C ASN A 185 -16.60 -3.38 -12.56
N TYR A 186 -16.57 -2.57 -13.64
CA TYR A 186 -15.93 -2.96 -14.91
C TYR A 186 -14.46 -2.54 -14.98
N GLN A 187 -13.88 -2.04 -13.89
CA GLN A 187 -12.51 -1.50 -13.92
C GLN A 187 -11.54 -2.64 -13.65
N TRP A 188 -11.19 -3.35 -14.73
CA TRP A 188 -10.44 -4.58 -14.59
C TRP A 188 -8.95 -4.43 -14.88
N GLY A 189 -8.39 -3.23 -14.77
CA GLY A 189 -7.00 -3.06 -15.19
C GLY A 189 -6.03 -4.02 -14.50
N ASP A 190 -6.18 -4.21 -13.17
CA ASP A 190 -5.32 -5.17 -12.45
C ASP A 190 -5.71 -6.60 -12.77
N LEU A 191 -7.03 -6.87 -12.89
CA LEU A 191 -7.47 -8.23 -13.21
C LEU A 191 -7.00 -8.68 -14.59
N THR A 192 -7.09 -7.79 -15.58
CA THR A 192 -6.60 -8.10 -16.92
C THR A 192 -5.10 -8.33 -16.90
N ALA A 193 -4.35 -7.44 -16.23
CA ALA A 193 -2.90 -7.60 -16.15
C ALA A 193 -2.54 -8.93 -15.53
N ALA A 194 -3.27 -9.31 -14.47
CA ALA A 194 -2.99 -10.59 -13.80
C ALA A 194 -3.33 -11.78 -14.71
N SER A 195 -4.44 -11.69 -15.46
CA SER A 195 -4.77 -12.78 -16.37
C SER A 195 -3.70 -12.92 -17.46
N PHE A 196 -3.16 -11.81 -17.98
CA PHE A 196 -2.06 -11.92 -18.97
C PHE A 196 -0.83 -12.59 -18.35
N GLU A 197 -0.51 -12.23 -17.11
CA GLU A 197 0.64 -12.86 -16.46
C GLU A 197 0.41 -14.35 -16.29
N ALA A 198 -0.81 -14.74 -15.93
CA ALA A 198 -1.09 -16.16 -15.83
C ALA A 198 -0.90 -16.87 -17.17
N LYS A 199 -1.44 -16.29 -18.23
CA LYS A 199 -1.29 -16.92 -19.54
C LYS A 199 0.18 -16.98 -19.95
N ASP A 200 0.94 -15.91 -19.67
CA ASP A 200 2.36 -15.92 -20.00
C ASP A 200 3.10 -17.05 -19.31
N ARG A 201 2.65 -17.41 -18.10
CA ARG A 201 3.25 -18.42 -17.26
C ARG A 201 2.64 -19.81 -17.44
N GLY A 202 1.73 -19.99 -18.38
CA GLY A 202 1.16 -21.29 -18.64
C GLY A 202 0.08 -21.70 -17.68
N ALA A 203 -0.45 -20.78 -16.88
CA ALA A 203 -1.54 -21.08 -15.96
C ALA A 203 -2.86 -20.55 -16.50
N ARG A 204 -3.97 -21.13 -16.02
CA ARG A 204 -5.28 -20.70 -16.50
C ARG A 204 -5.69 -19.37 -15.88
N THR A 205 -5.33 -19.14 -14.60
CA THR A 205 -5.82 -17.95 -13.95
C THR A 205 -4.85 -17.48 -12.87
N ALA A 206 -5.21 -16.37 -12.25
CA ALA A 206 -4.41 -15.73 -11.21
C ALA A 206 -5.22 -15.56 -9.94
N ILE A 207 -4.54 -15.65 -8.78
CA ILE A 207 -5.08 -15.25 -7.48
C ILE A 207 -4.28 -14.04 -7.02
N LEU A 208 -4.94 -12.90 -6.86
CA LEU A 208 -4.27 -11.66 -6.51
C LEU A 208 -4.23 -11.48 -5.00
N LEU A 209 -3.14 -10.87 -4.53
CA LEU A 209 -3.03 -10.41 -3.15
C LEU A 209 -3.35 -8.93 -3.07
N ASP A 210 -3.69 -8.47 -1.86
CA ASP A 210 -3.87 -7.04 -1.63
C ASP A 210 -2.55 -6.45 -1.12
N SER A 211 -2.59 -5.16 -0.72
CA SER A 211 -1.35 -4.46 -0.46
C SER A 211 -0.64 -4.99 0.79
N ASP A 212 -1.38 -5.68 1.67
CA ASP A 212 -0.79 -6.30 2.87
C ASP A 212 -0.47 -7.77 2.70
N ASN A 213 -0.45 -8.27 1.47
CA ASN A 213 -0.15 -9.65 1.14
C ASN A 213 -1.23 -10.57 1.71
N CYS A 214 -2.45 -10.08 1.91
CA CYS A 214 -3.60 -10.94 2.16
C CYS A 214 -4.26 -11.32 0.82
N VAL A 215 -4.87 -12.50 0.77
CA VAL A 215 -5.60 -12.88 -0.44
C VAL A 215 -6.70 -11.87 -0.70
N ALA A 216 -6.85 -11.50 -1.98
CA ALA A 216 -7.91 -10.60 -2.41
C ALA A 216 -8.94 -11.42 -3.17
N GLU A 217 -8.83 -11.54 -4.49
CA GLU A 217 -9.76 -12.33 -5.29
C GLU A 217 -9.07 -12.56 -6.64
N GLY A 218 -9.80 -13.17 -7.56
CA GLY A 218 -9.25 -13.44 -8.88
C GLY A 218 -9.94 -12.61 -9.92
N PRO A 219 -9.48 -12.72 -11.17
CA PRO A 219 -10.13 -12.00 -12.27
C PRO A 219 -11.51 -12.61 -12.55
N GLY A 220 -12.53 -12.13 -11.87
CA GLY A 220 -13.91 -12.62 -12.07
C GLY A 220 -14.41 -13.66 -11.10
N PHE A 221 -13.76 -13.86 -9.94
CA PHE A 221 -14.20 -14.86 -8.98
C PHE A 221 -13.66 -14.56 -7.59
N ASN A 222 -14.37 -15.06 -6.57
CA ASN A 222 -13.81 -15.10 -5.23
C ASN A 222 -13.00 -16.39 -5.09
N VAL A 223 -12.13 -16.41 -4.09
CA VAL A 223 -11.32 -17.59 -3.78
C VAL A 223 -11.73 -18.08 -2.39
N CYS A 224 -11.95 -19.38 -2.27
CA CYS A 224 -12.19 -20.00 -0.96
C CYS A 224 -11.02 -20.94 -0.68
N ILE A 225 -10.59 -20.96 0.58
CA ILE A 225 -9.42 -21.69 1.03
C ILE A 225 -9.88 -22.71 2.04
N VAL A 226 -9.48 -23.98 1.86
CA VAL A 226 -9.81 -25.06 2.80
C VAL A 226 -8.53 -25.46 3.51
N LYS A 227 -8.56 -25.48 4.85
CA LYS A 227 -7.43 -25.93 5.66
C LYS A 227 -7.98 -26.64 6.89
N ASP A 228 -7.50 -27.86 7.15
CA ASP A 228 -7.89 -28.61 8.34
C ASP A 228 -9.42 -28.68 8.49
N GLY A 229 -10.11 -28.96 7.40
CA GLY A 229 -11.55 -29.16 7.50
C GLY A 229 -12.38 -27.90 7.69
N LYS A 230 -11.76 -26.72 7.58
CA LYS A 230 -12.46 -25.44 7.69
C LYS A 230 -12.33 -24.69 6.38
N LEU A 231 -13.31 -23.84 6.10
CA LEU A 231 -13.37 -23.05 4.87
C LEU A 231 -13.21 -21.58 5.22
N ALA A 232 -12.36 -20.85 4.49
CA ALA A 232 -12.18 -19.41 4.72
C ALA A 232 -12.20 -18.70 3.36
N SER A 233 -12.61 -17.44 3.37
CA SER A 233 -12.59 -16.59 2.18
C SER A 233 -12.31 -15.14 2.61
N PRO A 234 -11.57 -14.39 1.80
CA PRO A 234 -11.23 -13.00 2.17
C PRO A 234 -12.42 -12.12 2.46
N SER A 235 -12.27 -11.31 3.49
CA SER A 235 -13.29 -10.36 3.93
C SER A 235 -13.09 -8.94 3.41
N ARG A 236 -11.87 -8.53 3.07
CA ARG A 236 -11.64 -7.11 2.77
C ARG A 236 -11.69 -6.77 1.27
N ASN A 237 -10.63 -7.06 0.52
CA ASN A 237 -10.51 -6.59 -0.86
C ASN A 237 -11.03 -7.65 -1.83
N ALA A 238 -12.34 -7.89 -1.74
CA ALA A 238 -12.98 -8.91 -2.55
C ALA A 238 -14.47 -8.54 -2.70
N LEU A 239 -15.04 -8.87 -3.84
CA LEU A 239 -16.48 -8.68 -3.99
C LEU A 239 -17.19 -9.56 -2.98
N PRO A 240 -18.28 -9.07 -2.35
CA PRO A 240 -19.11 -9.99 -1.51
C PRO A 240 -20.00 -10.85 -2.43
N GLY A 241 -19.39 -11.93 -2.91
CA GLY A 241 -20.00 -12.70 -3.98
C GLY A 241 -21.22 -13.48 -3.53
N ILE A 242 -22.17 -13.64 -4.46
CA ILE A 242 -23.35 -14.46 -4.22
C ILE A 242 -23.04 -15.95 -4.32
N THR A 243 -22.13 -16.34 -5.21
CA THR A 243 -21.70 -17.73 -5.21
C THR A 243 -21.01 -18.05 -3.90
N ARG A 244 -20.17 -17.14 -3.42
CA ARG A 244 -19.51 -17.35 -2.13
C ARG A 244 -20.57 -17.47 -1.01
N LYS A 245 -21.58 -16.60 -1.03
CA LYS A 245 -22.64 -16.65 -0.03
C LYS A 245 -23.33 -18.03 -0.07
N THR A 246 -23.55 -18.55 -1.26
CA THR A 246 -24.18 -19.86 -1.44
C THR A 246 -23.28 -20.97 -0.92
N VAL A 247 -21.99 -20.91 -1.26
CA VAL A 247 -21.03 -21.88 -0.77
C VAL A 247 -20.97 -21.88 0.75
N PHE A 248 -21.01 -20.70 1.37
CA PHE A 248 -20.97 -20.66 2.83
C PHE A 248 -22.23 -21.28 3.43
N GLU A 249 -23.39 -21.09 2.80
CA GLU A 249 -24.64 -21.70 3.26
C GLU A 249 -24.59 -23.22 3.11
N ILE A 250 -24.07 -23.70 1.99
CA ILE A 250 -23.88 -25.13 1.80
C ILE A 250 -22.94 -25.67 2.84
N ALA A 251 -21.83 -24.96 3.10
CA ALA A 251 -20.89 -25.45 4.10
C ALA A 251 -21.53 -25.51 5.47
N ASP A 252 -22.33 -24.50 5.82
CA ASP A 252 -23.01 -24.51 7.11
C ASP A 252 -23.92 -25.73 7.24
N GLN A 253 -24.69 -26.05 6.20
CA GLN A 253 -25.57 -27.21 6.24
C GLN A 253 -24.80 -28.52 6.41
N MET A 254 -23.60 -28.63 5.83
CA MET A 254 -22.72 -29.78 5.94
C MET A 254 -22.00 -29.87 7.28
N GLY A 255 -22.14 -28.86 8.13
CA GLY A 255 -21.43 -28.85 9.38
C GLY A 255 -20.00 -28.37 9.30
N ILE A 256 -19.63 -27.73 8.20
CA ILE A 256 -18.30 -27.14 8.02
C ILE A 256 -18.29 -25.70 8.51
N GLU A 257 -17.25 -25.34 9.26
CA GLU A 257 -17.10 -23.96 9.70
C GLU A 257 -16.53 -23.14 8.54
N ALA A 258 -17.24 -22.08 8.16
CA ALA A 258 -16.85 -21.19 7.05
C ALA A 258 -16.80 -19.75 7.56
N THR A 259 -15.67 -19.09 7.34
CA THR A 259 -15.40 -17.80 7.96
C THR A 259 -14.91 -16.81 6.92
N LEU A 260 -15.47 -15.61 6.94
CA LEU A 260 -14.96 -14.52 6.12
C LEU A 260 -13.91 -13.82 6.98
N ARG A 261 -12.67 -13.79 6.52
CA ARG A 261 -11.60 -13.25 7.36
C ARG A 261 -10.44 -12.92 6.45
N ASP A 262 -9.42 -12.25 7.03
CA ASP A 262 -8.15 -12.12 6.30
C ASP A 262 -7.50 -13.49 6.17
N VAL A 263 -7.08 -13.83 4.96
CA VAL A 263 -6.36 -15.04 4.64
C VAL A 263 -4.98 -14.59 4.18
N THR A 264 -3.96 -14.99 4.91
CA THR A 264 -2.63 -14.49 4.53
C THR A 264 -2.07 -15.24 3.36
N SER A 265 -1.00 -14.66 2.77
CA SER A 265 -0.33 -15.35 1.68
C SER A 265 0.26 -16.69 2.16
N HIS A 266 0.68 -16.76 3.43
CA HIS A 266 1.14 -18.02 3.97
C HIS A 266 0.05 -19.06 3.87
N GLU A 267 -1.17 -18.67 4.27
CA GLU A 267 -2.27 -19.61 4.26
C GLU A 267 -2.62 -20.02 2.85
N LEU A 268 -2.54 -19.10 1.88
CA LEU A 268 -2.85 -19.47 0.50
C LEU A 268 -1.92 -20.57 0.02
N TYR A 269 -0.63 -20.40 0.26
CA TYR A 269 0.32 -21.38 -0.24
C TYR A 269 0.21 -22.70 0.54
N ASP A 270 -0.27 -22.65 1.77
CA ASP A 270 -0.35 -23.84 2.59
C ASP A 270 -1.72 -24.52 2.54
N ALA A 271 -2.62 -24.12 1.63
CA ALA A 271 -3.98 -24.64 1.63
C ALA A 271 -4.06 -26.13 1.35
N ASP A 272 -5.06 -26.80 1.97
CA ASP A 272 -5.40 -28.17 1.60
C ASP A 272 -6.19 -28.23 0.30
N GLU A 273 -7.06 -27.25 0.09
CA GLU A 273 -7.81 -27.14 -1.16
C GLU A 273 -7.97 -25.65 -1.47
N LEU A 274 -8.11 -25.34 -2.76
CA LEU A 274 -8.41 -24.00 -3.22
C LEU A 274 -9.53 -24.10 -4.24
N MET A 275 -10.42 -23.11 -4.26
CA MET A 275 -11.48 -23.10 -5.26
C MET A 275 -11.79 -21.67 -5.66
N ALA A 276 -12.23 -21.52 -6.91
CA ALA A 276 -12.73 -20.26 -7.44
C ALA A 276 -14.25 -20.35 -7.46
N VAL A 277 -14.93 -19.27 -7.07
CA VAL A 277 -16.40 -19.32 -7.05
C VAL A 277 -16.94 -18.06 -7.74
N THR A 278 -17.86 -18.25 -8.67
CA THR A 278 -18.45 -17.11 -9.34
C THR A 278 -19.72 -17.55 -10.05
N THR A 279 -20.56 -16.58 -10.38
CA THR A 279 -21.87 -16.87 -10.98
C THR A 279 -21.71 -17.60 -12.30
N ALA A 280 -20.73 -17.21 -13.14
CA ALA A 280 -20.61 -17.81 -14.48
C ALA A 280 -19.78 -19.07 -14.40
N GLY A 281 -20.45 -20.17 -14.05
CA GLY A 281 -19.86 -21.48 -14.00
C GLY A 281 -19.73 -22.08 -12.61
N GLY A 282 -20.01 -21.34 -11.54
CA GLY A 282 -20.10 -21.95 -10.23
C GLY A 282 -18.80 -22.15 -9.44
N VAL A 283 -18.50 -23.39 -9.07
CA VAL A 283 -17.44 -23.72 -8.10
C VAL A 283 -16.36 -24.49 -8.86
N THR A 284 -15.17 -23.88 -8.99
CA THR A 284 -14.11 -24.45 -9.78
C THR A 284 -12.95 -24.88 -8.90
N PRO A 285 -12.59 -26.16 -8.89
CA PRO A 285 -11.40 -26.59 -8.13
C PRO A 285 -10.13 -26.01 -8.75
N ILE A 286 -9.18 -25.64 -7.90
CA ILE A 286 -7.86 -25.17 -8.31
C ILE A 286 -6.84 -26.23 -7.92
N ASN A 287 -6.34 -26.93 -8.92
CA ASN A 287 -5.48 -28.09 -8.72
C ASN A 287 -4.07 -27.73 -8.32
N SER A 288 -3.55 -26.58 -8.75
CA SER A 288 -2.16 -26.27 -8.55
C SER A 288 -2.03 -24.77 -8.41
N LEU A 289 -0.99 -24.34 -7.69
CA LEU A 289 -0.69 -22.93 -7.50
C LEU A 289 0.79 -22.72 -7.77
N ASP A 290 1.13 -21.84 -8.70
CA ASP A 290 2.55 -21.63 -9.03
C ASP A 290 3.24 -22.93 -9.45
N GLY A 291 2.51 -23.78 -10.16
CA GLY A 291 3.03 -25.03 -10.66
C GLY A 291 3.14 -26.14 -9.65
N GLU A 292 2.75 -25.92 -8.38
CA GLU A 292 2.82 -26.93 -7.33
C GLU A 292 1.44 -27.48 -7.04
N ALA A 293 1.32 -28.80 -6.94
CA ALA A 293 0.02 -29.37 -6.64
C ALA A 293 -0.49 -28.86 -5.30
N ILE A 294 -1.79 -28.58 -5.27
CA ILE A 294 -2.52 -28.40 -4.04
C ILE A 294 -3.10 -29.76 -3.66
N GLY A 295 -2.76 -30.28 -2.49
CA GLY A 295 -3.18 -31.64 -2.18
C GLY A 295 -2.59 -32.59 -3.20
N ASN A 296 -3.43 -33.47 -3.78
CA ASN A 296 -2.95 -34.42 -4.78
C ASN A 296 -3.00 -33.85 -6.18
N GLY A 297 -3.26 -32.55 -6.34
CA GLY A 297 -3.27 -32.01 -7.67
C GLY A 297 -4.53 -32.27 -8.43
N ALA A 298 -5.58 -32.72 -7.76
CA ALA A 298 -6.89 -32.94 -8.35
C ALA A 298 -7.91 -32.31 -7.42
N PRO A 299 -9.17 -32.16 -7.88
CA PRO A 299 -10.18 -31.52 -7.04
C PRO A 299 -10.30 -32.13 -5.64
N GLY A 300 -10.27 -31.27 -4.63
CA GLY A 300 -10.37 -31.71 -3.25
C GLY A 300 -11.74 -32.18 -2.84
N PRO A 301 -11.80 -33.00 -1.80
CA PRO A 301 -13.09 -33.59 -1.39
C PRO A 301 -14.12 -32.56 -0.97
N MET A 302 -13.73 -31.54 -0.20
CA MET A 302 -14.73 -30.55 0.18
C MET A 302 -15.20 -29.76 -1.04
N THR A 303 -14.27 -29.39 -1.92
CA THR A 303 -14.67 -28.65 -3.12
C THR A 303 -15.68 -29.45 -3.95
N VAL A 304 -15.41 -30.74 -4.13
CA VAL A 304 -16.29 -31.58 -4.94
C VAL A 304 -17.67 -31.68 -4.29
N ALA A 305 -17.72 -31.84 -2.97
CA ALA A 305 -18.99 -31.95 -2.27
C ALA A 305 -19.80 -30.66 -2.43
N ILE A 306 -19.15 -29.51 -2.24
CA ILE A 306 -19.84 -28.23 -2.33
C ILE A 306 -20.27 -27.96 -3.76
N ARG A 307 -19.40 -28.26 -4.74
CA ARG A 307 -19.74 -27.99 -6.13
C ARG A 307 -20.96 -28.82 -6.56
N ASP A 308 -20.95 -30.11 -6.21
CA ASP A 308 -22.07 -30.95 -6.62
C ASP A 308 -23.36 -30.52 -5.95
N ARG A 309 -23.30 -30.13 -4.68
CA ARG A 309 -24.49 -29.59 -4.04
C ARG A 309 -24.95 -28.27 -4.70
N PHE A 310 -24.00 -27.43 -5.10
CA PHE A 310 -24.36 -26.17 -5.75
C PHE A 310 -25.17 -26.42 -7.02
N TRP A 311 -24.77 -27.38 -7.85
CA TRP A 311 -25.52 -27.60 -9.09
C TRP A 311 -26.87 -28.22 -8.81
N ALA A 312 -26.98 -29.03 -7.75
CA ALA A 312 -28.28 -29.61 -7.39
C ALA A 312 -29.29 -28.54 -7.04
N LEU A 313 -28.85 -27.42 -6.45
CA LEU A 313 -29.76 -26.34 -6.08
C LEU A 313 -30.52 -25.77 -7.28
N MET A 314 -29.96 -25.89 -8.49
CA MET A 314 -30.55 -25.27 -9.67
C MET A 314 -31.84 -25.94 -10.06
N ASP A 315 -32.03 -27.20 -9.64
CA ASP A 315 -33.21 -28.00 -9.98
C ASP A 315 -34.16 -28.21 -8.83
N GLU A 316 -33.83 -27.72 -7.63
CA GLU A 316 -34.62 -28.03 -6.45
C GLU A 316 -35.57 -26.89 -6.13
N PRO A 317 -36.88 -27.14 -6.06
CA PRO A 317 -37.79 -26.04 -5.76
C PRO A 317 -37.44 -25.41 -4.42
N GLY A 318 -37.38 -24.09 -4.40
CA GLY A 318 -37.03 -23.37 -3.21
C GLY A 318 -36.86 -21.88 -3.45
N PRO A 319 -36.60 -21.16 -2.36
CA PRO A 319 -36.51 -19.69 -2.42
C PRO A 319 -35.36 -19.17 -3.24
N LEU A 320 -34.28 -19.94 -3.39
CA LEU A 320 -33.11 -19.51 -4.17
C LEU A 320 -33.38 -19.45 -5.67
N ILE A 321 -34.39 -20.16 -6.20
CA ILE A 321 -34.59 -20.18 -7.63
C ILE A 321 -36.02 -19.77 -7.99
N GLU A 322 -36.16 -19.15 -9.14
CA GLU A 322 -37.47 -18.86 -9.71
C GLU A 322 -37.53 -19.29 -11.16
N ALA A 323 -38.60 -19.99 -11.52
CA ALA A 323 -38.74 -20.43 -12.91
C ALA A 323 -39.09 -19.26 -13.80
N ILE A 324 -38.38 -19.14 -14.91
CA ILE A 324 -38.72 -18.19 -15.96
C ILE A 324 -39.92 -18.73 -16.72
N GLU A 325 -40.82 -17.84 -17.15
CA GLU A 325 -42.00 -18.24 -17.92
C GLU A 325 -41.72 -17.94 -19.40
N TYR A 326 -41.52 -18.99 -20.17
CA TYR A 326 -41.12 -18.85 -21.56
C TYR A 326 -42.37 -18.80 -22.46
N ALA B 6 7.72 10.08 42.90
CA ALA B 6 8.16 9.11 41.91
C ALA B 6 7.24 7.90 41.91
N ILE B 7 6.49 7.74 42.99
CA ILE B 7 5.73 6.53 43.28
C ILE B 7 4.26 6.72 42.91
N ARG B 8 3.79 7.96 42.95
CA ARG B 8 2.41 8.22 42.62
C ARG B 8 2.35 9.62 42.04
N GLU B 9 1.25 9.91 41.38
CA GLU B 9 1.03 11.24 40.84
C GLU B 9 -0.44 11.56 41.03
N ASP B 10 -0.75 12.84 40.91
CA ASP B 10 -2.11 13.27 41.18
C ASP B 10 -3.09 12.63 40.19
N THR B 11 -4.23 12.21 40.71
CA THR B 11 -5.36 11.73 39.92
C THR B 11 -6.58 12.53 40.33
N PRO B 12 -7.56 12.69 39.44
CA PRO B 12 -8.70 13.57 39.76
C PRO B 12 -9.46 13.06 40.98
N PRO B 13 -9.77 13.96 41.93
CA PRO B 13 -10.42 13.54 43.18
C PRO B 13 -11.79 12.92 42.94
N GLY B 14 -12.08 11.84 43.66
CA GLY B 14 -13.34 11.17 43.52
C GLY B 14 -13.49 10.33 42.27
N SER B 15 -12.48 10.31 41.40
CA SER B 15 -12.47 9.53 40.17
C SER B 15 -12.17 8.06 40.44
N VAL B 16 -12.40 7.22 39.43
CA VAL B 16 -12.16 5.79 39.57
C VAL B 16 -10.67 5.46 39.70
N ILE B 17 -9.78 6.40 39.37
CA ILE B 17 -8.34 6.15 39.40
C ILE B 17 -7.72 6.74 40.66
N GLN B 18 -7.28 5.86 41.57
CA GLN B 18 -6.61 6.29 42.80
C GLN B 18 -5.42 5.39 43.10
N TYR B 19 -4.28 6.01 43.33
CA TYR B 19 -3.08 5.29 43.73
C TYR B 19 -3.22 4.76 45.15
N SER B 20 -2.42 3.74 45.46
CA SER B 20 -2.32 3.22 46.82
C SER B 20 -1.58 4.20 47.73
N ASP B 21 -1.86 4.10 49.03
CA ASP B 21 -1.22 4.97 50.02
C ASP B 21 -0.27 4.09 50.84
N TYR B 22 1.02 4.32 50.66
CA TYR B 22 2.03 3.49 51.31
C TYR B 22 3.35 4.20 51.10
N GLU B 23 4.37 3.73 51.81
CA GLU B 23 5.70 4.31 51.77
C GLU B 23 6.71 3.23 51.36
N LEU B 24 7.69 3.62 50.56
CA LEU B 24 8.81 2.77 50.24
C LEU B 24 9.78 2.67 51.41
N ASP B 25 10.36 1.49 51.60
CA ASP B 25 11.44 1.28 52.57
C ASP B 25 12.75 1.33 51.78
N HIS B 26 13.39 2.51 51.80
CA HIS B 26 14.61 2.75 50.99
C HIS B 26 15.84 2.05 51.57
N SER B 27 15.66 1.28 52.64
CA SER B 27 16.81 0.48 53.15
C SER B 27 17.13 -0.56 52.06
N SER B 28 16.25 -0.66 51.06
CA SER B 28 16.43 -1.66 49.98
C SER B 28 16.87 -0.93 48.71
N PRO B 29 17.96 -1.35 48.01
CA PRO B 29 18.36 -0.65 46.80
C PRO B 29 17.30 -0.90 45.75
N PHE B 30 16.57 -2.01 45.89
CA PHE B 30 15.47 -2.39 44.96
C PHE B 30 14.27 -1.44 45.04
N ALA B 31 14.08 -0.73 46.15
CA ALA B 31 12.80 0.00 46.27
C ALA B 31 12.60 0.98 45.12
N GLY B 32 11.42 0.91 44.50
CA GLY B 32 11.00 1.83 43.43
C GLY B 32 11.37 1.35 42.03
N GLY B 33 12.30 0.41 41.86
CA GLY B 33 12.53 -0.19 40.53
C GLY B 33 13.23 -1.54 40.61
N VAL B 34 12.84 -2.52 39.81
CA VAL B 34 13.63 -3.81 39.77
C VAL B 34 13.84 -4.20 38.29
N ALA B 35 15.06 -4.59 37.92
CA ALA B 35 15.31 -5.09 36.55
C ALA B 35 15.95 -6.47 36.64
N TRP B 36 15.48 -7.43 35.86
CA TRP B 36 16.09 -8.78 35.80
C TRP B 36 16.78 -8.95 34.46
N ILE B 37 18.11 -8.91 34.43
CA ILE B 37 18.88 -8.95 33.18
C ILE B 37 19.94 -10.01 33.34
N GLU B 38 19.98 -10.94 32.40
CA GLU B 38 20.97 -12.03 32.39
C GLU B 38 20.92 -12.86 33.67
N GLY B 39 19.70 -13.11 34.15
CA GLY B 39 19.51 -13.97 35.34
C GLY B 39 19.72 -13.25 36.65
N GLU B 40 20.07 -11.96 36.63
CA GLU B 40 20.37 -11.27 37.90
C GLU B 40 19.39 -10.12 38.18
N PHE B 41 18.78 -10.10 39.37
CA PHE B 41 17.92 -8.94 39.77
C PHE B 41 18.84 -7.76 40.02
N LEU B 42 18.45 -6.56 39.60
CA LEU B 42 19.29 -5.35 39.73
C LEU B 42 18.41 -4.14 40.04
N PRO B 43 18.94 -3.07 40.67
CA PRO B 43 18.17 -1.86 40.86
C PRO B 43 17.94 -1.33 39.45
N ALA B 44 16.79 -0.72 39.21
CA ALA B 44 16.42 -0.30 37.83
C ALA B 44 17.45 0.71 37.30
N GLU B 45 17.95 1.59 38.16
CA GLU B 45 18.90 2.63 37.71
C GLU B 45 20.13 1.93 37.12
N ASP B 46 20.57 0.83 37.72
CA ASP B 46 21.73 0.03 37.23
C ASP B 46 21.39 -0.76 35.95
N ALA B 47 20.12 -0.90 35.59
CA ALA B 47 19.80 -1.83 34.48
C ALA B 47 20.50 -1.42 33.19
N LYS B 48 21.12 -2.42 32.53
CA LYS B 48 21.91 -2.13 31.30
C LYS B 48 21.98 -3.41 30.47
N ILE B 49 22.01 -3.25 29.15
CA ILE B 49 22.07 -4.38 28.24
C ILE B 49 23.26 -4.17 27.31
N SER B 50 23.76 -5.28 26.77
CA SER B 50 24.87 -5.19 25.84
C SER B 50 24.47 -4.38 24.62
N ILE B 51 25.32 -3.43 24.23
CA ILE B 51 25.04 -2.66 23.01
C ILE B 51 25.01 -3.58 21.78
N PHE B 52 25.60 -4.77 21.86
CA PHE B 52 25.64 -5.71 20.74
C PHE B 52 24.44 -6.66 20.67
N ASP B 53 23.49 -6.58 21.62
CA ASP B 53 22.28 -7.38 21.55
C ASP B 53 21.53 -7.03 20.28
N THR B 54 21.11 -8.05 19.50
CA THR B 54 20.47 -7.70 18.23
C THR B 54 19.08 -7.14 18.43
N GLY B 55 18.52 -7.30 19.64
CA GLY B 55 17.34 -6.55 20.04
C GLY B 55 17.55 -5.06 19.95
N PHE B 56 18.80 -4.61 20.02
CA PHE B 56 19.09 -3.22 19.73
C PHE B 56 19.32 -3.04 18.22
N GLY B 57 20.39 -3.63 17.68
CA GLY B 57 20.80 -3.29 16.31
C GLY B 57 19.80 -3.66 15.22
N HIS B 58 19.00 -4.68 15.42
CA HIS B 58 17.95 -5.05 14.46
C HIS B 58 16.56 -4.95 15.06
N SER B 59 16.44 -4.41 16.28
CA SER B 59 15.15 -4.43 17.01
C SER B 59 14.48 -5.80 16.91
N ASP B 60 15.30 -6.86 17.04
CA ASP B 60 14.90 -8.25 16.79
C ASP B 60 14.40 -8.89 18.08
N LEU B 61 13.13 -8.62 18.38
CA LEU B 61 12.59 -8.92 19.70
C LEU B 61 11.07 -8.84 19.64
N THR B 62 10.46 -9.33 20.71
CA THR B 62 9.08 -8.96 21.05
C THR B 62 9.01 -8.72 22.56
N TYR B 63 7.88 -8.19 23.01
CA TYR B 63 7.74 -7.85 24.43
C TYR B 63 6.26 -7.78 24.78
N THR B 64 6.00 -7.68 26.09
CA THR B 64 4.66 -7.32 26.55
C THR B 64 4.81 -6.45 27.79
N VAL B 65 3.75 -5.73 28.13
CA VAL B 65 3.73 -4.92 29.33
C VAL B 65 2.45 -5.25 30.06
N ALA B 66 2.56 -5.54 31.37
CA ALA B 66 1.42 -5.71 32.24
C ALA B 66 1.48 -4.60 33.28
N HIS B 67 0.35 -4.28 33.88
CA HIS B 67 0.37 -3.28 34.96
C HIS B 67 -0.04 -3.97 36.27
N VAL B 68 0.42 -3.35 37.34
CA VAL B 68 0.03 -3.70 38.69
C VAL B 68 -0.72 -2.49 39.21
N TRP B 69 -1.86 -2.73 39.82
CA TRP B 69 -2.68 -1.68 40.41
C TRP B 69 -3.17 -2.18 41.76
N HIS B 70 -2.95 -1.37 42.79
CA HIS B 70 -3.39 -1.74 44.15
C HIS B 70 -2.80 -3.06 44.58
N GLY B 71 -1.57 -3.32 44.12
CA GLY B 71 -0.86 -4.56 44.42
C GLY B 71 -1.34 -5.77 43.65
N ASN B 72 -2.21 -5.61 42.67
CA ASN B 72 -2.73 -6.73 41.91
C ASN B 72 -2.18 -6.63 40.50
N ILE B 73 -1.54 -7.70 40.01
CA ILE B 73 -1.10 -7.77 38.61
C ILE B 73 -2.27 -8.22 37.75
N PHE B 74 -2.44 -7.60 36.57
CA PHE B 74 -3.67 -7.78 35.80
C PHE B 74 -3.37 -8.66 34.60
N ARG B 75 -4.09 -9.78 34.50
CA ARG B 75 -4.08 -10.69 33.33
C ARG B 75 -2.66 -11.11 32.95
N LEU B 76 -1.84 -11.45 33.95
CA LEU B 76 -0.46 -11.80 33.66
C LEU B 76 -0.38 -13.02 32.74
N GLY B 77 -1.29 -13.99 32.94
CA GLY B 77 -1.32 -15.19 32.13
C GLY B 77 -1.58 -14.91 30.67
N ASP B 78 -2.51 -14.00 30.38
CA ASP B 78 -2.78 -13.60 29.00
C ASP B 78 -1.57 -12.91 28.39
N HIS B 79 -0.89 -12.08 29.16
CA HIS B 79 0.29 -11.39 28.65
C HIS B 79 1.39 -12.38 28.32
N LEU B 80 1.60 -13.37 29.19
CA LEU B 80 2.65 -14.34 28.92
C LEU B 80 2.28 -15.21 27.71
N ASP B 81 1.00 -15.56 27.57
CA ASP B 81 0.58 -16.32 26.40
C ASP B 81 0.87 -15.53 25.13
N ARG B 82 0.52 -14.23 25.15
CA ARG B 82 0.78 -13.38 23.97
C ARG B 82 2.27 -13.23 23.73
N LEU B 83 3.05 -13.00 24.78
CA LEU B 83 4.48 -12.84 24.61
C LEU B 83 5.08 -14.09 23.99
N LEU B 84 4.71 -15.27 24.50
CA LEU B 84 5.29 -16.52 24.05
C LEU B 84 4.83 -16.88 22.64
N ASP B 85 3.58 -16.55 22.31
CA ASP B 85 3.08 -16.82 20.96
C ASP B 85 3.82 -15.99 19.92
N GLY B 86 4.02 -14.70 20.21
CA GLY B 86 4.83 -13.86 19.32
C GLY B 86 6.28 -14.28 19.24
N ALA B 87 6.86 -14.67 20.37
CA ALA B 87 8.25 -15.14 20.32
C ALA B 87 8.37 -16.34 19.41
N ARG B 88 7.41 -17.27 19.50
CA ARG B 88 7.38 -18.42 18.61
C ARG B 88 7.28 -18.00 17.15
N LYS B 89 6.41 -17.03 16.86
CA LYS B 89 6.30 -16.56 15.48
C LYS B 89 7.60 -15.96 14.98
N LEU B 90 8.39 -15.37 15.88
CA LEU B 90 9.67 -14.79 15.51
C LEU B 90 10.82 -15.79 15.63
N ARG B 91 10.52 -17.05 15.93
CA ARG B 91 11.57 -18.07 16.09
C ARG B 91 12.50 -17.71 17.24
N LEU B 92 11.92 -17.16 18.29
CA LEU B 92 12.65 -16.78 19.49
C LEU B 92 12.29 -17.81 20.58
N ASP B 93 13.31 -18.24 21.31
CA ASP B 93 13.12 -19.19 22.40
C ASP B 93 13.48 -18.47 23.70
N ALA B 94 12.48 -18.23 24.55
CA ALA B 94 12.72 -17.52 25.80
C ALA B 94 13.65 -18.30 26.73
N GLY B 95 13.61 -19.62 26.68
CA GLY B 95 14.43 -20.43 27.57
C GLY B 95 13.85 -20.62 28.95
N TYR B 96 12.66 -20.08 29.19
CA TYR B 96 11.91 -20.21 30.43
C TYR B 96 10.47 -20.55 30.09
N THR B 97 9.86 -21.38 30.91
CA THR B 97 8.45 -21.68 30.73
C THR B 97 7.61 -20.49 31.21
N LYS B 98 6.33 -20.54 30.86
CA LYS B 98 5.41 -19.48 31.23
C LYS B 98 5.35 -19.32 32.75
N ASP B 99 5.30 -20.44 33.49
CA ASP B 99 5.25 -20.37 34.94
C ASP B 99 6.52 -19.76 35.52
N GLU B 100 7.68 -20.15 34.99
CA GLU B 100 8.94 -19.59 35.47
C GLU B 100 8.98 -18.09 35.23
N LEU B 101 8.49 -17.66 34.07
CA LEU B 101 8.45 -16.22 33.80
C LEU B 101 7.48 -15.53 34.75
N ALA B 102 6.35 -16.16 35.01
CA ALA B 102 5.38 -15.56 35.92
C ALA B 102 5.99 -15.35 37.30
N ASP B 103 6.71 -16.36 37.78
CA ASP B 103 7.35 -16.25 39.09
C ASP B 103 8.35 -15.11 39.12
N ILE B 104 9.21 -15.03 38.10
CA ILE B 104 10.22 -13.98 38.04
C ILE B 104 9.59 -12.60 37.98
N THR B 105 8.54 -12.46 37.15
CA THR B 105 7.91 -11.16 37.02
C THR B 105 7.35 -10.69 38.36
N LYS B 106 6.62 -11.58 39.03
CA LYS B 106 6.00 -11.24 40.30
C LYS B 106 7.04 -10.96 41.37
N GLN B 107 8.17 -11.68 41.33
CA GLN B 107 9.28 -11.35 42.23
C GLN B 107 9.83 -9.96 41.95
N CYS B 108 9.90 -9.57 40.66
CA CYS B 108 10.37 -8.22 40.38
C CYS B 108 9.46 -7.18 41.01
N VAL B 109 8.15 -7.40 40.91
CA VAL B 109 7.21 -6.43 41.47
C VAL B 109 7.36 -6.38 42.99
N SER B 110 7.40 -7.55 43.61
CA SER B 110 7.51 -7.62 45.07
C SER B 110 8.76 -6.92 45.56
N MET B 111 9.91 -7.21 44.95
CA MET B 111 11.16 -6.56 45.33
C MET B 111 11.10 -5.05 45.12
N SER B 112 10.38 -4.59 44.07
CA SER B 112 10.28 -3.15 43.83
C SER B 112 9.49 -2.41 44.91
N GLN B 113 8.59 -3.10 45.60
CA GLN B 113 7.64 -2.61 46.60
C GLN B 113 6.52 -1.78 46.00
N LEU B 114 6.40 -1.75 44.68
CA LEU B 114 5.43 -0.88 44.00
C LEU B 114 4.08 -1.55 43.96
N ARG B 115 3.07 -0.86 44.50
CA ARG B 115 1.70 -1.34 44.43
C ARG B 115 1.06 -0.93 43.10
N GLU B 116 1.58 0.12 42.49
CA GLU B 116 1.25 0.54 41.12
C GLU B 116 2.53 0.47 40.28
N SER B 117 2.49 -0.32 39.20
CA SER B 117 3.73 -0.55 38.48
C SER B 117 3.45 -0.83 37.00
N PHE B 118 4.45 -0.50 36.19
CA PHE B 118 4.56 -0.81 34.77
C PHE B 118 5.58 -1.94 34.65
N VAL B 119 5.16 -3.11 34.18
CA VAL B 119 5.98 -4.33 34.16
C VAL B 119 6.22 -4.74 32.72
N ASN B 120 7.49 -4.80 32.31
CA ASN B 120 7.85 -5.10 30.92
C ASN B 120 8.58 -6.43 30.90
N LEU B 121 8.18 -7.32 29.97
CA LEU B 121 8.96 -8.52 29.65
C LEU B 121 9.38 -8.43 28.20
N THR B 122 10.69 -8.54 27.91
CA THR B 122 11.21 -8.43 26.56
C THR B 122 12.02 -9.69 26.24
N VAL B 123 11.80 -10.26 25.05
CA VAL B 123 12.59 -11.42 24.60
C VAL B 123 13.32 -10.99 23.32
N THR B 124 14.65 -11.07 23.31
CA THR B 124 15.41 -10.62 22.15
C THR B 124 16.21 -11.78 21.57
N ARG B 125 16.59 -11.62 20.29
CA ARG B 125 17.44 -12.60 19.62
C ARG B 125 18.83 -12.68 20.27
N GLY B 126 19.25 -11.63 20.97
CA GLY B 126 20.49 -11.67 21.75
C GLY B 126 21.75 -11.36 21.00
N TYR B 127 22.85 -11.92 21.49
CA TYR B 127 24.17 -11.70 20.90
C TYR B 127 24.92 -13.02 20.91
N THR B 140 22.42 -16.41 21.47
CA THR B 140 21.69 -16.89 22.65
C THR B 140 20.61 -15.89 22.96
N HIS B 141 19.36 -16.34 22.96
CA HIS B 141 18.22 -15.42 23.13
C HIS B 141 18.23 -14.85 24.55
N GLN B 142 17.86 -13.58 24.69
CA GLN B 142 17.92 -12.93 26.02
C GLN B 142 16.53 -12.51 26.50
N VAL B 143 16.24 -12.71 27.79
CA VAL B 143 15.00 -12.24 28.39
C VAL B 143 15.35 -11.12 29.35
N TYR B 144 14.65 -10.00 29.24
CA TYR B 144 14.80 -8.88 30.15
C TYR B 144 13.45 -8.55 30.75
N ILE B 145 13.40 -8.33 32.08
CA ILE B 145 12.15 -7.98 32.77
C ILE B 145 12.44 -6.79 33.67
N TYR B 146 11.52 -5.83 33.71
CA TYR B 146 11.66 -4.78 34.71
C TYR B 146 10.29 -4.38 35.25
N ALA B 147 10.28 -3.97 36.52
CA ALA B 147 9.11 -3.38 37.18
C ALA B 147 9.47 -1.99 37.64
N ILE B 148 8.74 -0.98 37.16
CA ILE B 148 9.13 0.40 37.45
C ILE B 148 7.82 1.12 37.83
N PRO B 149 7.88 2.35 38.34
CA PRO B 149 6.62 3.00 38.74
C PRO B 149 5.70 3.17 37.54
N TYR B 150 4.42 3.26 37.87
CA TYR B 150 3.37 3.31 36.86
C TYR B 150 3.59 4.43 35.85
N LEU B 151 3.38 4.07 34.57
CA LEU B 151 3.53 5.00 33.46
C LEU B 151 2.15 5.20 32.82
N TRP B 152 1.92 6.40 32.32
CA TRP B 152 0.63 6.78 31.72
C TRP B 152 0.82 7.12 30.24
N ALA B 153 0.16 6.37 29.36
CA ALA B 153 0.17 6.77 27.96
C ALA B 153 -0.51 8.12 27.81
N PHE B 154 -1.62 8.31 28.53
CA PHE B 154 -2.28 9.58 28.67
C PHE B 154 -2.38 9.85 30.17
N PRO B 155 -2.21 11.09 30.60
CA PRO B 155 -2.25 11.40 32.05
C PRO B 155 -3.58 11.04 32.68
N PRO B 156 -3.61 10.80 34.01
CA PRO B 156 -4.89 10.47 34.68
C PRO B 156 -6.00 11.48 34.38
N ALA B 157 -5.67 12.76 34.25
CA ALA B 157 -6.70 13.76 33.97
C ALA B 157 -7.36 13.48 32.63
N GLU B 158 -6.58 13.04 31.64
CA GLU B 158 -7.14 12.76 30.32
C GLU B 158 -7.92 11.48 30.33
N GLN B 159 -7.56 10.52 31.20
CA GLN B 159 -8.39 9.34 31.31
C GLN B 159 -9.80 9.71 31.73
N ILE B 160 -9.94 10.67 32.64
CA ILE B 160 -11.26 11.04 33.15
C ILE B 160 -11.94 12.03 32.22
N PHE B 161 -11.21 13.03 31.74
CA PHE B 161 -11.81 14.11 30.97
C PHE B 161 -11.56 14.09 29.45
N GLY B 162 -10.75 13.16 28.94
CA GLY B 162 -10.59 12.96 27.50
C GLY B 162 -9.35 13.65 26.92
N THR B 163 -8.95 13.15 25.76
CA THR B 163 -7.75 13.62 25.07
C THR B 163 -8.15 14.03 23.65
N THR B 164 -7.19 14.50 22.85
CA THR B 164 -7.43 14.98 21.49
C THR B 164 -6.56 14.21 20.50
N ALA B 165 -7.08 14.03 19.28
CA ALA B 165 -6.35 13.28 18.26
C ALA B 165 -6.43 13.93 16.90
N ILE B 166 -5.46 13.56 16.05
CA ILE B 166 -5.52 13.87 14.64
C ILE B 166 -5.31 12.59 13.85
N VAL B 167 -5.66 12.59 12.58
CA VAL B 167 -5.23 11.55 11.66
C VAL B 167 -4.02 12.10 10.89
N PRO B 168 -2.88 11.42 10.88
CA PRO B 168 -1.70 12.00 10.20
C PRO B 168 -1.93 12.24 8.71
N ARG B 169 -1.47 13.41 8.24
CA ARG B 169 -1.42 13.70 6.81
C ARG B 169 -0.30 12.95 6.12
N HIS B 170 0.75 12.64 6.84
CA HIS B 170 2.01 12.21 6.22
C HIS B 170 2.45 10.82 6.58
N VAL B 171 1.75 10.13 7.48
CA VAL B 171 2.19 8.85 8.04
C VAL B 171 1.04 7.85 7.92
N ARG B 172 1.39 6.57 7.72
CA ARG B 172 0.45 5.46 7.87
C ARG B 172 1.08 4.41 8.75
N ARG B 173 0.25 3.52 9.33
CA ARG B 173 0.80 2.42 10.13
C ARG B 173 1.46 1.39 9.22
N ALA B 174 2.62 0.89 9.63
CA ALA B 174 3.24 -0.23 8.90
C ALA B 174 2.28 -1.41 8.84
N GLY B 175 2.24 -2.09 7.66
CA GLY B 175 1.31 -3.20 7.47
C GLY B 175 1.83 -4.53 7.99
N ARG B 176 0.92 -5.50 8.09
CA ARG B 176 1.29 -6.80 8.65
C ARG B 176 2.36 -7.53 7.82
N ASN B 177 2.52 -7.17 6.55
CA ASN B 177 3.51 -7.77 5.69
C ASN B 177 4.83 -7.00 5.69
N THR B 178 4.98 -6.00 6.55
CA THR B 178 6.25 -5.30 6.62
C THR B 178 6.78 -5.46 8.04
N VAL B 179 6.69 -4.42 8.85
CA VAL B 179 6.97 -4.55 10.28
C VAL B 179 5.62 -4.86 10.91
N ASP B 180 5.40 -6.11 11.30
CA ASP B 180 4.06 -6.59 11.63
C ASP B 180 3.52 -6.04 12.94
N PRO B 181 2.46 -5.23 12.93
CA PRO B 181 1.91 -4.69 14.18
C PRO B 181 1.26 -5.73 15.05
N THR B 182 0.92 -6.92 14.52
CA THR B 182 0.23 -7.92 15.32
C THR B 182 1.19 -8.67 16.26
N ILE B 183 2.51 -8.48 16.13
CA ILE B 183 3.50 -8.95 17.11
C ILE B 183 4.08 -7.74 17.80
N LYS B 184 3.88 -7.63 19.12
CA LYS B 184 4.26 -6.39 19.79
C LYS B 184 5.74 -6.13 19.64
N ASN B 185 6.11 -4.90 19.29
CA ASN B 185 7.51 -4.64 18.91
C ASN B 185 7.90 -3.21 19.27
N TYR B 186 9.21 -2.98 19.31
CA TYR B 186 9.80 -1.69 19.63
C TYR B 186 10.02 -0.84 18.39
N GLN B 187 9.53 -1.28 17.22
CA GLN B 187 9.86 -0.56 15.99
C GLN B 187 8.82 0.52 15.78
N TRP B 188 9.06 1.70 16.36
CA TRP B 188 8.04 2.76 16.41
C TRP B 188 8.24 3.86 15.38
N GLY B 189 8.99 3.62 14.31
CA GLY B 189 9.29 4.70 13.40
C GLY B 189 8.03 5.44 12.92
N ASP B 190 6.99 4.68 12.53
CA ASP B 190 5.74 5.33 12.12
C ASP B 190 5.00 5.94 13.30
N LEU B 191 4.96 5.25 14.43
CA LEU B 191 4.24 5.77 15.60
C LEU B 191 4.89 7.06 16.12
N THR B 192 6.22 7.10 16.16
CA THR B 192 6.92 8.32 16.54
C THR B 192 6.65 9.45 15.57
N ALA B 193 6.71 9.15 14.27
CA ALA B 193 6.45 10.19 13.29
C ALA B 193 5.04 10.75 13.46
N ALA B 194 4.08 9.86 13.70
CA ALA B 194 2.68 10.31 13.88
C ALA B 194 2.54 11.15 15.13
N SER B 195 3.21 10.76 16.22
CA SER B 195 3.15 11.56 17.45
C SER B 195 3.75 12.95 17.24
N PHE B 196 4.85 13.05 16.50
CA PHE B 196 5.40 14.38 16.22
C PHE B 196 4.43 15.21 15.40
N GLU B 197 3.76 14.59 14.42
CA GLU B 197 2.79 15.33 13.62
C GLU B 197 1.66 15.82 14.50
N ALA B 198 1.21 14.95 15.41
CA ALA B 198 0.14 15.32 16.33
C ALA B 198 0.54 16.51 17.18
N LYS B 199 1.76 16.48 17.73
CA LYS B 199 2.24 17.61 18.52
C LYS B 199 2.37 18.87 17.68
N ASP B 200 2.91 18.75 16.45
CA ASP B 200 3.00 19.90 15.55
C ASP B 200 1.64 20.52 15.31
N ARG B 201 0.59 19.70 15.30
CA ARG B 201 -0.76 20.18 15.02
C ARG B 201 -1.54 20.55 16.26
N GLY B 202 -0.94 20.47 17.44
CA GLY B 202 -1.63 20.88 18.65
C GLY B 202 -2.56 19.83 19.22
N ALA B 203 -2.48 18.58 18.76
CA ALA B 203 -3.26 17.49 19.33
C ALA B 203 -2.38 16.62 20.22
N ARG B 204 -3.01 15.90 21.14
CA ARG B 204 -2.23 15.04 22.03
C ARG B 204 -1.75 13.77 21.37
N THR B 205 -2.52 13.20 20.44
CA THR B 205 -2.12 11.93 19.86
C THR B 205 -2.64 11.78 18.44
N ALA B 206 -2.30 10.65 17.83
CA ALA B 206 -2.64 10.35 16.44
C ALA B 206 -3.37 9.03 16.38
N ILE B 207 -4.31 8.92 15.44
CA ILE B 207 -4.89 7.65 15.04
C ILE B 207 -4.41 7.38 13.62
N LEU B 208 -3.66 6.30 13.44
CA LEU B 208 -3.10 5.97 12.13
C LEU B 208 -4.06 5.10 11.31
N LEU B 209 -4.03 5.28 9.99
CA LEU B 209 -4.71 4.40 9.06
C LEU B 209 -3.71 3.42 8.46
N ASP B 210 -4.22 2.30 7.91
CA ASP B 210 -3.36 1.38 7.16
C ASP B 210 -3.40 1.73 5.68
N SER B 211 -2.77 0.89 4.84
CA SER B 211 -2.60 1.24 3.44
C SER B 211 -3.93 1.31 2.70
N ASP B 212 -4.97 0.66 3.22
CA ASP B 212 -6.31 0.71 2.57
C ASP B 212 -7.24 1.75 3.20
N ASN B 213 -6.71 2.66 4.01
CA ASN B 213 -7.44 3.71 4.68
C ASN B 213 -8.40 3.11 5.70
N CYS B 214 -8.08 1.92 6.24
CA CYS B 214 -8.81 1.42 7.41
C CYS B 214 -8.08 1.86 8.67
N VAL B 215 -8.82 1.99 9.77
CA VAL B 215 -8.20 2.32 11.03
C VAL B 215 -7.20 1.21 11.40
N ALA B 216 -6.02 1.62 11.87
CA ALA B 216 -5.00 0.70 12.32
C ALA B 216 -4.95 0.80 13.84
N GLU B 217 -4.15 1.69 14.41
CA GLU B 217 -4.03 1.87 15.86
C GLU B 217 -3.30 3.19 16.09
N GLY B 218 -3.04 3.51 17.36
CA GLY B 218 -2.30 4.70 17.66
C GLY B 218 -0.95 4.36 18.24
N PRO B 219 -0.14 5.40 18.52
CA PRO B 219 1.20 5.19 19.12
C PRO B 219 1.07 4.71 20.55
N GLY B 220 0.96 3.38 20.69
CA GLY B 220 0.89 2.74 21.99
C GLY B 220 -0.49 2.37 22.47
N PHE B 221 -1.50 2.31 21.59
CA PHE B 221 -2.85 1.96 22.02
C PHE B 221 -3.67 1.42 20.87
N ASN B 222 -4.68 0.61 21.20
CA ASN B 222 -5.70 0.29 20.20
C ASN B 222 -6.77 1.37 20.25
N VAL B 223 -7.56 1.43 19.17
CA VAL B 223 -8.68 2.38 19.05
C VAL B 223 -9.97 1.59 18.96
N CYS B 224 -10.96 2.00 19.76
CA CYS B 224 -12.30 1.43 19.67
C CYS B 224 -13.23 2.55 19.22
N ILE B 225 -14.17 2.19 18.34
CA ILE B 225 -15.09 3.12 17.69
C ILE B 225 -16.49 2.73 18.10
N VAL B 226 -17.29 3.71 18.56
CA VAL B 226 -18.68 3.49 18.97
C VAL B 226 -19.59 4.14 17.94
N LYS B 227 -20.55 3.37 17.44
CA LYS B 227 -21.53 3.93 16.51
C LYS B 227 -22.87 3.22 16.71
N ASP B 228 -23.93 3.99 16.88
CA ASP B 228 -25.27 3.42 17.01
C ASP B 228 -25.30 2.34 18.09
N GLY B 229 -24.63 2.62 19.21
CA GLY B 229 -24.69 1.73 20.37
C GLY B 229 -23.91 0.46 20.24
N LYS B 230 -23.08 0.32 19.20
CA LYS B 230 -22.24 -0.85 18.96
C LYS B 230 -20.79 -0.42 19.05
N LEU B 231 -19.91 -1.36 19.44
CA LEU B 231 -18.48 -1.11 19.62
C LEU B 231 -17.72 -1.87 18.53
N ALA B 232 -16.75 -1.22 17.90
CA ALA B 232 -15.93 -1.92 16.90
C ALA B 232 -14.46 -1.58 17.13
N SER B 233 -13.55 -2.47 16.73
CA SER B 233 -12.11 -2.20 16.81
C SER B 233 -11.44 -2.90 15.64
N PRO B 234 -10.39 -2.31 15.07
CA PRO B 234 -9.72 -2.95 13.91
C PRO B 234 -9.22 -4.35 14.18
N SER B 235 -9.40 -5.21 13.17
CA SER B 235 -8.97 -6.60 13.20
C SER B 235 -7.64 -6.86 12.52
N ARG B 236 -7.17 -6.01 11.60
CA ARG B 236 -5.99 -6.39 10.83
C ARG B 236 -4.70 -5.76 11.35
N ASN B 237 -4.50 -4.47 11.07
CA ASN B 237 -3.20 -3.86 11.35
C ASN B 237 -3.19 -3.19 12.71
N ALA B 238 -3.26 -4.03 13.76
CA ALA B 238 -3.36 -3.55 15.13
C ALA B 238 -2.85 -4.66 16.05
N LEU B 239 -2.27 -4.26 17.17
CA LEU B 239 -1.90 -5.27 18.16
C LEU B 239 -3.17 -5.93 18.69
N PRO B 240 -3.16 -7.27 18.91
CA PRO B 240 -4.31 -7.89 19.64
C PRO B 240 -4.21 -7.56 21.13
N GLY B 241 -4.72 -6.38 21.48
CA GLY B 241 -4.46 -5.83 22.80
C GLY B 241 -5.21 -6.55 23.89
N ILE B 242 -4.57 -6.61 25.06
CA ILE B 242 -5.21 -7.18 26.24
C ILE B 242 -6.23 -6.22 26.85
N THR B 243 -5.95 -4.93 26.83
CA THR B 243 -6.98 -4.00 27.26
C THR B 243 -8.17 -4.06 26.32
N ARG B 244 -7.91 -4.17 25.01
CA ARG B 244 -9.02 -4.31 24.07
C ARG B 244 -9.82 -5.57 24.38
N LYS B 245 -9.11 -6.65 24.71
CA LYS B 245 -9.77 -7.90 25.05
C LYS B 245 -10.65 -7.71 26.28
N THR B 246 -10.12 -6.98 27.26
CA THR B 246 -10.89 -6.66 28.47
C THR B 246 -12.10 -5.78 28.15
N VAL B 247 -11.89 -4.75 27.33
CA VAL B 247 -13.00 -3.86 26.96
C VAL B 247 -14.13 -4.65 26.27
N PHE B 248 -13.77 -5.58 25.39
CA PHE B 248 -14.77 -6.37 24.69
C PHE B 248 -15.55 -7.28 25.64
N GLU B 249 -14.87 -7.85 26.64
CA GLU B 249 -15.56 -8.65 27.66
C GLU B 249 -16.49 -7.78 28.52
N ILE B 250 -16.02 -6.60 28.90
CA ILE B 250 -16.85 -5.67 29.65
C ILE B 250 -18.08 -5.31 28.84
N ALA B 251 -17.87 -5.01 27.55
CA ALA B 251 -19.00 -4.63 26.72
C ALA B 251 -19.99 -5.77 26.58
N ASP B 252 -19.49 -7.00 26.42
CA ASP B 252 -20.37 -8.16 26.34
C ASP B 252 -21.22 -8.27 27.62
N GLN B 253 -20.58 -8.13 28.79
CA GLN B 253 -21.33 -8.18 30.05
C GLN B 253 -22.38 -7.07 30.17
N MET B 254 -22.14 -5.92 29.57
CA MET B 254 -23.11 -4.83 29.53
C MET B 254 -24.18 -5.03 28.47
N GLY B 255 -24.10 -6.09 27.68
CA GLY B 255 -25.10 -6.25 26.64
C GLY B 255 -24.81 -5.47 25.38
N ILE B 256 -23.61 -4.96 25.24
CA ILE B 256 -23.19 -4.25 24.04
C ILE B 256 -22.53 -5.21 23.07
N GLU B 257 -22.89 -5.10 21.79
CA GLU B 257 -22.26 -5.91 20.75
C GLU B 257 -20.92 -5.28 20.38
N ALA B 258 -19.83 -6.05 20.49
CA ALA B 258 -18.49 -5.58 20.20
C ALA B 258 -17.84 -6.48 19.16
N THR B 259 -17.29 -5.90 18.08
CA THR B 259 -16.86 -6.69 16.94
C THR B 259 -15.47 -6.26 16.52
N LEU B 260 -14.59 -7.23 16.28
CA LEU B 260 -13.28 -6.97 15.67
C LEU B 260 -13.50 -7.03 14.16
N ARG B 261 -13.26 -5.92 13.48
CA ARG B 261 -13.56 -5.87 12.05
C ARG B 261 -12.76 -4.74 11.43
N ASP B 262 -12.76 -4.68 10.10
CA ASP B 262 -12.25 -3.50 9.43
C ASP B 262 -13.17 -2.31 9.73
N VAL B 263 -12.59 -1.21 10.15
CA VAL B 263 -13.30 0.04 10.39
C VAL B 263 -12.75 1.03 9.37
N THR B 264 -13.61 1.55 8.51
CA THR B 264 -13.04 2.41 7.47
C THR B 264 -12.77 3.80 7.99
N SER B 265 -12.02 4.59 7.21
CA SER B 265 -11.80 5.98 7.62
C SER B 265 -13.12 6.77 7.66
N HIS B 266 -14.07 6.44 6.80
CA HIS B 266 -15.40 7.08 6.90
C HIS B 266 -16.00 6.85 8.28
N GLU B 267 -15.95 5.60 8.74
CA GLU B 267 -16.54 5.29 10.05
C GLU B 267 -15.79 5.98 11.17
N LEU B 268 -14.47 6.11 11.04
CA LEU B 268 -13.69 6.79 12.08
C LEU B 268 -14.17 8.23 12.24
N TYR B 269 -14.30 8.95 11.12
CA TYR B 269 -14.72 10.34 11.15
C TYR B 269 -16.17 10.51 11.56
N ASP B 270 -17.00 9.48 11.35
CA ASP B 270 -18.43 9.56 11.64
C ASP B 270 -18.79 8.95 13.01
N ALA B 271 -17.79 8.61 13.82
CA ALA B 271 -18.03 7.90 15.09
C ALA B 271 -18.88 8.71 16.07
N ASP B 272 -19.70 7.98 16.86
CA ASP B 272 -20.36 8.62 17.99
C ASP B 272 -19.42 8.80 19.17
N GLU B 273 -18.53 7.84 19.39
CA GLU B 273 -17.47 7.96 20.41
C GLU B 273 -16.22 7.29 19.88
N LEU B 274 -15.07 7.74 20.40
CA LEU B 274 -13.76 7.16 20.11
C LEU B 274 -13.02 6.98 21.44
N MET B 275 -12.22 5.92 21.55
CA MET B 275 -11.42 5.74 22.76
C MET B 275 -10.12 5.06 22.43
N ALA B 276 -9.13 5.32 23.25
CA ALA B 276 -7.83 4.66 23.20
C ALA B 276 -7.78 3.66 24.34
N VAL B 277 -7.25 2.46 24.07
CA VAL B 277 -7.19 1.44 25.12
C VAL B 277 -5.78 0.86 25.14
N THR B 278 -5.18 0.85 26.33
CA THR B 278 -3.84 0.28 26.44
C THR B 278 -3.57 -0.01 27.91
N THR B 279 -2.56 -0.86 28.14
CA THR B 279 -2.26 -1.30 29.50
C THR B 279 -1.84 -0.14 30.38
N ALA B 280 -1.03 0.79 29.88
CA ALA B 280 -0.51 1.87 30.71
C ALA B 280 -1.54 3.01 30.73
N GLY B 281 -2.52 2.87 31.62
CA GLY B 281 -3.52 3.87 31.86
C GLY B 281 -4.92 3.49 31.47
N GLY B 282 -5.12 2.38 30.76
CA GLY B 282 -6.47 1.87 30.57
C GLY B 282 -7.25 2.46 29.40
N VAL B 283 -8.42 3.04 29.66
CA VAL B 283 -9.40 3.47 28.65
C VAL B 283 -9.46 4.99 28.63
N THR B 284 -9.05 5.60 27.52
CA THR B 284 -8.97 7.06 27.40
C THR B 284 -10.00 7.56 26.40
N PRO B 285 -10.94 8.39 26.81
CA PRO B 285 -11.86 8.98 25.81
C PRO B 285 -11.09 9.89 24.87
N ILE B 286 -11.48 9.87 23.58
CA ILE B 286 -10.92 10.78 22.58
C ILE B 286 -12.02 11.77 22.21
N ASN B 287 -11.87 13.02 22.67
CA ASN B 287 -12.95 14.02 22.58
C ASN B 287 -13.10 14.58 21.17
N SER B 288 -12.02 14.68 20.39
CA SER B 288 -12.11 15.36 19.11
C SER B 288 -11.12 14.71 18.17
N LEU B 289 -11.40 14.84 16.90
CA LEU B 289 -10.57 14.30 15.84
C LEU B 289 -10.37 15.39 14.80
N ASP B 290 -9.11 15.72 14.52
CA ASP B 290 -8.81 16.78 13.54
C ASP B 290 -9.54 18.08 13.92
N GLY B 291 -9.63 18.32 15.22
CA GLY B 291 -10.21 19.53 15.74
C GLY B 291 -11.72 19.59 15.72
N GLU B 292 -12.40 18.52 15.29
CA GLU B 292 -13.87 18.45 15.24
C GLU B 292 -14.36 17.61 16.41
N ALA B 293 -15.41 18.08 17.08
CA ALA B 293 -15.93 17.33 18.22
C ALA B 293 -16.38 15.94 17.76
N ILE B 294 -16.07 14.92 18.58
CA ILE B 294 -16.72 13.61 18.51
C ILE B 294 -17.87 13.67 19.52
N GLY B 295 -19.10 13.43 19.06
CA GLY B 295 -20.24 13.63 19.97
C GLY B 295 -20.24 15.08 20.42
N ASN B 296 -20.38 15.31 21.74
CA ASN B 296 -20.38 16.68 22.22
C ASN B 296 -18.96 17.17 22.53
N GLY B 297 -17.92 16.46 22.09
CA GLY B 297 -16.60 16.95 22.40
C GLY B 297 -16.11 16.64 23.81
N ALA B 298 -16.81 15.80 24.57
CA ALA B 298 -16.42 15.35 25.89
C ALA B 298 -16.61 13.85 25.94
N PRO B 299 -16.10 13.17 26.96
CA PRO B 299 -16.18 11.70 26.98
C PRO B 299 -17.58 11.17 26.77
N GLY B 300 -17.69 10.19 25.88
CA GLY B 300 -18.96 9.57 25.53
C GLY B 300 -19.44 8.64 26.61
N PRO B 301 -20.76 8.45 26.64
CA PRO B 301 -21.37 7.64 27.73
C PRO B 301 -20.92 6.19 27.74
N MET B 302 -20.77 5.55 26.59
CA MET B 302 -20.28 4.18 26.61
C MET B 302 -18.84 4.14 27.10
N THR B 303 -18.01 5.09 26.64
CA THR B 303 -16.62 5.11 27.07
C THR B 303 -16.53 5.25 28.59
N VAL B 304 -17.34 6.14 29.15
CA VAL B 304 -17.28 6.36 30.60
C VAL B 304 -17.65 5.09 31.34
N ALA B 305 -18.72 4.42 30.88
CA ALA B 305 -19.18 3.20 31.53
C ALA B 305 -18.11 2.11 31.48
N ILE B 306 -17.49 1.92 30.31
CA ILE B 306 -16.45 0.89 30.15
C ILE B 306 -15.22 1.20 30.99
N ARG B 307 -14.78 2.46 30.97
CA ARG B 307 -13.60 2.87 31.73
C ARG B 307 -13.82 2.65 33.23
N ASP B 308 -14.98 3.06 33.72
CA ASP B 308 -15.23 2.88 35.16
C ASP B 308 -15.28 1.42 35.54
N ARG B 309 -15.88 0.57 34.72
CA ARG B 309 -15.84 -0.85 35.00
C ARG B 309 -14.41 -1.39 34.93
N PHE B 310 -13.60 -0.88 33.98
CA PHE B 310 -12.23 -1.36 33.85
C PHE B 310 -11.46 -1.17 35.15
N TRP B 311 -11.56 0.03 35.75
CA TRP B 311 -10.79 0.27 36.98
C TRP B 311 -11.34 -0.54 38.15
N ALA B 312 -12.65 -0.78 38.16
CA ALA B 312 -13.24 -1.64 39.20
C ALA B 312 -12.71 -3.06 39.13
N LEU B 313 -12.37 -3.54 37.93
CA LEU B 313 -11.82 -4.89 37.79
C LEU B 313 -10.54 -5.04 38.58
N MET B 314 -9.83 -3.94 38.83
CA MET B 314 -8.53 -4.09 39.47
C MET B 314 -8.66 -4.51 40.91
N ASP B 315 -9.82 -4.28 41.53
CA ASP B 315 -10.02 -4.58 42.94
C ASP B 315 -10.89 -5.80 43.21
N GLU B 316 -11.48 -6.40 42.19
CA GLU B 316 -12.41 -7.49 42.41
C GLU B 316 -11.67 -8.82 42.32
N PRO B 317 -11.70 -9.65 43.37
CA PRO B 317 -11.04 -10.95 43.28
C PRO B 317 -11.65 -11.79 42.18
N GLY B 318 -10.79 -12.40 41.38
CA GLY B 318 -11.22 -13.18 40.26
C GLY B 318 -10.03 -13.56 39.42
N PRO B 319 -10.28 -14.31 38.33
CA PRO B 319 -9.17 -14.82 37.50
C PRO B 319 -8.32 -13.73 36.85
N LEU B 320 -8.84 -12.51 36.68
CA LEU B 320 -8.09 -11.44 36.01
C LEU B 320 -6.98 -10.85 36.87
N ILE B 321 -7.05 -10.96 38.21
CA ILE B 321 -6.06 -10.28 39.03
C ILE B 321 -5.41 -11.27 40.00
N GLU B 322 -4.15 -11.04 40.29
CA GLU B 322 -3.47 -11.82 41.32
C GLU B 322 -2.76 -10.86 42.25
N ALA B 323 -2.94 -11.04 43.56
CA ALA B 323 -2.26 -10.16 44.51
C ALA B 323 -0.77 -10.46 44.59
N ILE B 324 0.05 -9.43 44.51
CA ILE B 324 1.48 -9.55 44.71
C ILE B 324 1.75 -9.69 46.21
N GLU B 325 2.74 -10.50 46.55
CA GLU B 325 3.12 -10.71 47.95
C GLU B 325 4.35 -9.88 48.22
N TYR B 326 4.18 -8.81 48.99
CA TYR B 326 5.28 -7.90 49.29
C TYR B 326 5.94 -8.29 50.62
N ALA C 6 -23.53 26.19 -27.08
CA ALA C 6 -23.17 24.81 -27.40
C ALA C 6 -21.73 24.75 -27.90
N ILE C 7 -21.32 25.81 -28.59
CA ILE C 7 -20.03 25.88 -29.27
C ILE C 7 -19.01 26.76 -28.54
N ARG C 8 -19.46 27.68 -27.69
CA ARG C 8 -18.61 28.55 -26.91
C ARG C 8 -19.31 28.83 -25.59
N GLU C 9 -18.54 29.34 -24.65
CA GLU C 9 -19.04 29.78 -23.36
C GLU C 9 -18.22 30.99 -22.94
N ASP C 10 -18.73 31.75 -21.98
CA ASP C 10 -18.05 32.97 -21.59
C ASP C 10 -16.66 32.70 -21.03
N THR C 11 -15.71 33.56 -21.38
CA THR C 11 -14.38 33.53 -20.82
C THR C 11 -14.08 34.93 -20.33
N PRO C 12 -13.16 35.09 -19.37
CA PRO C 12 -12.89 36.41 -18.80
C PRO C 12 -12.36 37.40 -19.83
N PRO C 13 -12.93 38.60 -19.86
CA PRO C 13 -12.54 39.59 -20.89
C PRO C 13 -11.08 40.03 -20.75
N GLY C 14 -10.42 40.14 -21.89
CA GLY C 14 -9.04 40.55 -21.91
C GLY C 14 -8.08 39.47 -21.47
N SER C 15 -8.57 38.31 -21.07
CA SER C 15 -7.72 37.20 -20.67
C SER C 15 -7.17 36.47 -21.91
N VAL C 16 -6.17 35.62 -21.65
CA VAL C 16 -5.47 34.86 -22.70
C VAL C 16 -6.38 33.82 -23.36
N ILE C 17 -7.52 33.50 -22.75
CA ILE C 17 -8.43 32.48 -23.23
C ILE C 17 -9.63 33.12 -23.91
N GLN C 18 -9.70 33.00 -25.24
CA GLN C 18 -10.82 33.52 -26.02
C GLN C 18 -11.18 32.56 -27.13
N TYR C 19 -12.45 32.24 -27.23
CA TYR C 19 -12.97 31.38 -28.27
C TYR C 19 -12.95 32.14 -29.60
N SER C 20 -12.93 31.38 -30.69
CA SER C 20 -13.09 31.93 -32.04
C SER C 20 -14.52 32.42 -32.27
N ASP C 21 -14.67 33.36 -33.24
CA ASP C 21 -15.98 33.89 -33.61
C ASP C 21 -16.36 33.28 -34.96
N TYR C 22 -17.40 32.46 -34.96
CA TYR C 22 -17.81 31.78 -36.18
C TYR C 22 -19.17 31.16 -35.94
N GLU C 23 -19.76 30.68 -37.03
CA GLU C 23 -21.08 30.09 -37.04
C GLU C 23 -21.02 28.67 -37.60
N LEU C 24 -21.79 27.79 -37.00
CA LEU C 24 -21.92 26.44 -37.54
C LEU C 24 -22.80 26.49 -38.78
N ASP C 25 -22.45 25.69 -39.79
CA ASP C 25 -23.27 25.52 -40.99
C ASP C 25 -24.11 24.26 -40.82
N HIS C 26 -25.37 24.45 -40.44
CA HIS C 26 -26.22 23.34 -40.07
C HIS C 26 -26.81 22.61 -41.26
N SER C 27 -26.47 23.02 -42.49
CA SER C 27 -26.80 22.20 -43.64
C SER C 27 -26.11 20.86 -43.57
N SER C 28 -24.90 20.82 -42.99
CA SER C 28 -24.18 19.57 -42.75
C SER C 28 -24.72 18.90 -41.49
N PRO C 29 -25.07 17.62 -41.54
CA PRO C 29 -25.48 16.93 -40.31
C PRO C 29 -24.32 16.80 -39.32
N PHE C 30 -23.08 16.81 -39.80
CA PHE C 30 -21.88 16.67 -38.97
C PHE C 30 -21.59 17.91 -38.14
N ALA C 31 -22.24 19.04 -38.44
CA ALA C 31 -21.93 20.28 -37.76
C ALA C 31 -22.10 20.15 -36.25
N GLY C 32 -21.05 20.50 -35.51
CA GLY C 32 -21.11 20.52 -34.06
C GLY C 32 -20.60 19.26 -33.35
N GLY C 33 -20.47 18.14 -34.05
CA GLY C 33 -19.91 16.95 -33.42
C GLY C 33 -19.82 15.78 -34.39
N VAL C 34 -18.67 15.10 -34.43
CA VAL C 34 -18.46 13.98 -35.34
C VAL C 34 -17.83 12.84 -34.58
N ALA C 35 -18.30 11.62 -34.83
CA ALA C 35 -17.71 10.39 -34.30
C ALA C 35 -17.30 9.49 -35.46
N TRP C 36 -16.21 8.77 -35.29
CA TRP C 36 -15.78 7.78 -36.30
C TRP C 36 -15.81 6.41 -35.62
N ILE C 37 -16.83 5.62 -35.92
CA ILE C 37 -17.01 4.33 -35.20
C ILE C 37 -17.17 3.19 -36.22
N GLU C 38 -16.40 2.12 -36.05
CA GLU C 38 -16.51 0.94 -36.95
C GLU C 38 -16.29 1.40 -38.40
N GLY C 39 -15.35 2.34 -38.60
CA GLY C 39 -14.98 2.77 -39.96
C GLY C 39 -15.93 3.78 -40.57
N GLU C 40 -16.93 4.25 -39.82
CA GLU C 40 -17.94 5.15 -40.45
C GLU C 40 -17.99 6.50 -39.72
N PHE C 41 -17.90 7.61 -40.47
CA PHE C 41 -18.08 8.94 -39.84
C PHE C 41 -19.56 9.09 -39.50
N LEU C 42 -19.87 9.59 -38.30
CA LEU C 42 -21.28 9.72 -37.86
C LEU C 42 -21.50 11.04 -37.13
N PRO C 43 -22.72 11.62 -37.12
CA PRO C 43 -23.00 12.77 -36.30
C PRO C 43 -22.82 12.32 -34.85
N ALA C 44 -22.26 13.17 -34.00
CA ALA C 44 -21.97 12.76 -32.62
C ALA C 44 -23.22 12.26 -31.91
N GLU C 45 -24.39 12.85 -32.18
CA GLU C 45 -25.62 12.41 -31.53
C GLU C 45 -25.93 10.94 -31.80
N ASP C 46 -25.53 10.44 -32.95
CA ASP C 46 -25.77 9.05 -33.35
C ASP C 46 -24.72 8.08 -32.81
N ALA C 47 -23.62 8.56 -32.25
CA ALA C 47 -22.46 7.72 -31.98
C ALA C 47 -22.74 6.67 -30.91
N LYS C 48 -22.73 5.40 -31.32
CA LYS C 48 -23.04 4.31 -30.37
C LYS C 48 -22.03 3.17 -30.53
N ILE C 49 -21.79 2.43 -29.45
CA ILE C 49 -20.85 1.31 -29.49
C ILE C 49 -21.57 0.09 -28.94
N SER C 50 -21.11 -1.07 -29.36
CA SER C 50 -21.72 -2.31 -28.93
C SER C 50 -21.57 -2.43 -27.42
N ILE C 51 -22.65 -2.78 -26.74
CA ILE C 51 -22.59 -2.96 -25.30
C ILE C 51 -21.61 -4.10 -24.94
N PHE C 52 -21.36 -5.01 -25.88
CA PHE C 52 -20.49 -6.17 -25.65
C PHE C 52 -19.02 -5.89 -25.91
N ASP C 53 -18.66 -4.66 -26.30
CA ASP C 53 -17.26 -4.31 -26.41
C ASP C 53 -16.63 -4.47 -25.03
N THR C 54 -15.50 -5.17 -24.95
CA THR C 54 -14.85 -5.36 -23.65
C THR C 54 -14.22 -4.07 -23.13
N GLY C 55 -14.08 -3.05 -23.97
CA GLY C 55 -13.81 -1.70 -23.52
C GLY C 55 -14.84 -1.18 -22.56
N PHE C 56 -16.07 -1.70 -22.63
CA PHE C 56 -17.09 -1.39 -21.63
C PHE C 56 -16.95 -2.35 -20.42
N GLY C 57 -17.19 -3.64 -20.66
CA GLY C 57 -17.34 -4.60 -19.57
C GLY C 57 -16.06 -4.82 -18.75
N HIS C 58 -14.89 -4.65 -19.36
CA HIS C 58 -13.64 -4.77 -18.61
C HIS C 58 -12.86 -3.47 -18.64
N SER C 59 -13.42 -2.39 -19.20
CA SER C 59 -12.67 -1.16 -19.41
C SER C 59 -11.29 -1.46 -19.99
N ASP C 60 -11.26 -2.40 -20.95
CA ASP C 60 -10.02 -2.94 -21.53
C ASP C 60 -9.62 -2.10 -22.74
N LEU C 61 -8.94 -1.00 -22.45
CA LEU C 61 -8.73 0.04 -23.46
C LEU C 61 -7.66 1.03 -22.97
N THR C 62 -7.20 1.85 -23.91
CA THR C 62 -6.52 3.09 -23.57
C THR C 62 -7.04 4.17 -24.51
N TYR C 63 -6.66 5.41 -24.24
CA TYR C 63 -7.18 6.53 -25.04
C TYR C 63 -6.26 7.71 -24.89
N THR C 64 -6.49 8.72 -25.71
CA THR C 64 -5.89 10.00 -25.46
C THR C 64 -6.89 11.08 -25.89
N VAL C 65 -6.63 12.29 -25.43
CA VAL C 65 -7.43 13.44 -25.78
C VAL C 65 -6.50 14.56 -26.22
N ALA C 66 -6.79 15.16 -27.38
CA ALA C 66 -6.08 16.34 -27.84
C ALA C 66 -7.09 17.47 -27.94
N HIS C 67 -6.63 18.72 -27.89
CA HIS C 67 -7.57 19.80 -28.10
C HIS C 67 -7.28 20.55 -29.39
N VAL C 68 -8.33 21.18 -29.90
CA VAL C 68 -8.27 22.09 -31.03
C VAL C 68 -8.61 23.46 -30.48
N TRP C 69 -7.77 24.46 -30.78
CA TRP C 69 -8.02 25.83 -30.33
C TRP C 69 -7.75 26.77 -31.50
N HIS C 70 -8.72 27.64 -31.83
CA HIS C 70 -8.56 28.55 -32.98
C HIS C 70 -8.26 27.78 -34.25
N GLY C 71 -8.87 26.61 -34.39
CA GLY C 71 -8.67 25.79 -35.56
C GLY C 71 -7.35 25.06 -35.65
N ASN C 72 -6.54 25.08 -34.58
CA ASN C 72 -5.25 24.41 -34.56
C ASN C 72 -5.32 23.24 -33.59
N ILE C 73 -5.01 22.03 -34.09
CA ILE C 73 -4.90 20.86 -33.22
C ILE C 73 -3.51 20.86 -32.59
N PHE C 74 -3.43 20.55 -31.31
CA PHE C 74 -2.23 20.80 -30.52
C PHE C 74 -1.52 19.48 -30.25
N ARG C 75 -0.27 19.37 -30.70
CA ARG C 75 0.62 18.23 -30.40
C ARG C 75 -0.01 16.87 -30.72
N LEU C 76 -0.70 16.77 -31.87
CA LEU C 76 -1.41 15.55 -32.23
C LEU C 76 -0.44 14.38 -32.36
N GLY C 77 0.77 14.62 -32.88
CA GLY C 77 1.74 13.55 -33.03
C GLY C 77 2.18 12.96 -31.70
N ASP C 78 2.42 13.83 -30.71
CA ASP C 78 2.75 13.37 -29.36
C ASP C 78 1.62 12.54 -28.77
N HIS C 79 0.37 12.96 -29.01
CA HIS C 79 -0.78 12.22 -28.49
C HIS C 79 -0.90 10.87 -29.15
N LEU C 80 -0.65 10.80 -30.45
CA LEU C 80 -0.73 9.50 -31.11
C LEU C 80 0.41 8.60 -30.65
N ASP C 81 1.61 9.16 -30.46
CA ASP C 81 2.72 8.35 -29.96
C ASP C 81 2.38 7.77 -28.60
N ARG C 82 1.81 8.60 -27.72
CA ARG C 82 1.45 8.12 -26.39
C ARG C 82 0.36 7.06 -26.45
N LEU C 83 -0.66 7.29 -27.27
CA LEU C 83 -1.76 6.36 -27.40
C LEU C 83 -1.25 4.99 -27.89
N LEU C 84 -0.40 5.01 -28.92
CA LEU C 84 0.05 3.75 -29.51
C LEU C 84 1.01 3.03 -28.60
N ASP C 85 1.82 3.78 -27.86
CA ASP C 85 2.77 3.17 -26.94
C ASP C 85 2.03 2.44 -25.81
N GLY C 86 1.01 3.10 -25.27
CA GLY C 86 0.20 2.44 -24.25
C GLY C 86 -0.55 1.25 -24.82
N ALA C 87 -1.09 1.39 -26.03
CA ALA C 87 -1.80 0.27 -26.64
C ALA C 87 -0.89 -0.94 -26.78
N ARG C 88 0.38 -0.70 -27.17
CA ARG C 88 1.35 -1.80 -27.27
C ARG C 88 1.58 -2.46 -25.91
N LYS C 89 1.70 -1.66 -24.84
CA LYS C 89 1.86 -2.22 -23.50
C LYS C 89 0.64 -3.04 -23.08
N LEU C 90 -0.55 -2.71 -23.57
CA LEU C 90 -1.77 -3.45 -23.25
C LEU C 90 -2.05 -4.59 -24.23
N ARG C 91 -1.13 -4.84 -25.18
CA ARG C 91 -1.33 -5.88 -26.21
C ARG C 91 -2.53 -5.58 -27.08
N LEU C 92 -2.75 -4.30 -27.36
CA LEU C 92 -3.83 -3.84 -28.21
C LEU C 92 -3.24 -3.46 -29.57
N ASP C 93 -3.92 -3.85 -30.64
CA ASP C 93 -3.49 -3.51 -31.99
C ASP C 93 -4.54 -2.59 -32.61
N ALA C 94 -4.21 -1.31 -32.78
CA ALA C 94 -5.19 -0.40 -33.34
C ALA C 94 -5.55 -0.79 -34.77
N GLY C 95 -4.62 -1.41 -35.50
CA GLY C 95 -4.85 -1.78 -36.88
C GLY C 95 -4.68 -0.65 -37.86
N TYR C 96 -4.33 0.55 -37.40
CA TYR C 96 -4.13 1.74 -38.21
C TYR C 96 -2.78 2.30 -37.84
N THR C 97 -2.07 2.86 -38.81
CA THR C 97 -0.81 3.49 -38.53
C THR C 97 -1.06 4.85 -37.90
N LYS C 98 0.01 5.42 -37.35
CA LYS C 98 -0.07 6.73 -36.74
C LYS C 98 -0.58 7.79 -37.74
N ASP C 99 -0.04 7.79 -38.96
CA ASP C 99 -0.48 8.76 -39.99
C ASP C 99 -1.93 8.54 -40.39
N GLU C 100 -2.35 7.29 -40.50
CA GLU C 100 -3.75 7.01 -40.83
C GLU C 100 -4.67 7.55 -39.73
N LEU C 101 -4.29 7.35 -38.47
CA LEU C 101 -5.11 7.87 -37.39
C LEU C 101 -5.13 9.39 -37.39
N ALA C 102 -3.98 10.01 -37.69
CA ALA C 102 -3.88 11.46 -37.74
C ALA C 102 -4.82 12.03 -38.78
N ASP C 103 -4.89 11.38 -39.96
CA ASP C 103 -5.79 11.83 -41.02
C ASP C 103 -7.24 11.71 -40.62
N ILE C 104 -7.63 10.55 -40.06
CA ILE C 104 -9.02 10.37 -39.63
C ILE C 104 -9.38 11.38 -38.56
N THR C 105 -8.45 11.63 -37.62
CA THR C 105 -8.72 12.58 -36.54
C THR C 105 -9.02 13.98 -37.07
N LYS C 106 -8.16 14.45 -37.96
CA LYS C 106 -8.32 15.79 -38.52
C LYS C 106 -9.57 15.90 -39.37
N GLN C 107 -9.92 14.83 -40.08
CA GLN C 107 -11.19 14.80 -40.81
C GLN C 107 -12.37 14.89 -39.85
N CYS C 108 -12.29 14.23 -38.69
CA CYS C 108 -13.39 14.39 -37.74
C CYS C 108 -13.54 15.84 -37.35
N VAL C 109 -12.43 16.51 -37.06
CA VAL C 109 -12.51 17.92 -36.65
C VAL C 109 -13.06 18.77 -37.78
N SER C 110 -12.54 18.58 -39.00
CA SER C 110 -12.97 19.40 -40.13
C SER C 110 -14.48 19.25 -40.35
N MET C 111 -14.97 18.01 -40.41
CA MET C 111 -16.39 17.77 -40.59
C MET C 111 -17.22 18.38 -39.47
N SER C 112 -16.71 18.36 -38.23
CA SER C 112 -17.45 18.98 -37.15
C SER C 112 -17.55 20.49 -37.30
N GLN C 113 -16.61 21.08 -38.04
CA GLN C 113 -16.56 22.56 -38.24
C GLN C 113 -16.21 23.25 -36.91
N LEU C 114 -15.58 22.54 -35.96
CA LEU C 114 -15.36 23.19 -34.65
C LEU C 114 -13.93 23.75 -34.55
N ARG C 115 -13.80 25.07 -34.42
CA ARG C 115 -12.48 25.72 -34.19
C ARG C 115 -11.93 25.33 -32.82
N GLU C 116 -12.81 25.24 -31.83
CA GLU C 116 -12.41 24.82 -30.46
C GLU C 116 -13.04 23.44 -30.22
N SER C 117 -12.20 22.45 -29.91
CA SER C 117 -12.78 21.08 -29.83
C SER C 117 -12.03 20.17 -28.87
N PHE C 118 -12.77 19.23 -28.29
CA PHE C 118 -12.23 18.18 -27.46
C PHE C 118 -12.23 16.91 -28.33
N VAL C 119 -11.05 16.36 -28.58
CA VAL C 119 -10.89 15.25 -29.53
C VAL C 119 -10.37 14.02 -28.82
N ASN C 120 -11.09 12.92 -28.95
CA ASN C 120 -10.81 11.68 -28.24
C ASN C 120 -10.47 10.57 -29.22
N LEU C 121 -9.40 9.83 -28.95
CA LEU C 121 -9.10 8.59 -29.66
C LEU C 121 -9.06 7.47 -28.62
N THR C 122 -9.87 6.44 -28.82
CA THR C 122 -9.94 5.32 -27.89
C THR C 122 -9.64 4.03 -28.62
N VAL C 123 -8.80 3.17 -28.04
CA VAL C 123 -8.49 1.87 -28.62
C VAL C 123 -8.96 0.82 -27.62
N THR C 124 -9.86 -0.05 -28.01
CA THR C 124 -10.41 -1.06 -27.09
C THR C 124 -10.09 -2.48 -27.56
N ARG C 125 -10.12 -3.43 -26.63
CA ARG C 125 -9.98 -4.84 -27.00
C ARG C 125 -11.13 -5.32 -27.87
N GLY C 126 -12.26 -4.63 -27.82
CA GLY C 126 -13.28 -4.92 -28.79
C GLY C 126 -14.14 -6.10 -28.40
N TYR C 127 -14.68 -6.77 -29.42
CA TYR C 127 -15.54 -7.92 -29.22
C TYR C 127 -15.19 -8.99 -30.26
N GLY C 128 -15.61 -10.21 -29.97
CA GLY C 128 -15.39 -11.33 -30.87
C GLY C 128 -16.48 -11.48 -31.92
N THR C 140 -11.55 -8.73 -31.99
CA THR C 140 -11.19 -7.75 -33.00
C THR C 140 -11.16 -6.39 -32.30
N HIS C 141 -9.97 -5.81 -32.19
CA HIS C 141 -9.81 -4.55 -31.45
C HIS C 141 -10.47 -3.42 -32.21
N GLN C 142 -10.98 -2.45 -31.48
CA GLN C 142 -11.79 -1.37 -32.04
C GLN C 142 -11.12 -0.02 -31.78
N VAL C 143 -11.20 0.87 -32.77
CA VAL C 143 -10.78 2.25 -32.63
C VAL C 143 -12.00 3.14 -32.74
N TYR C 144 -12.17 4.04 -31.78
CA TYR C 144 -13.27 4.99 -31.80
C TYR C 144 -12.67 6.39 -31.68
N ILE C 145 -13.16 7.33 -32.49
CA ILE C 145 -12.69 8.71 -32.49
C ILE C 145 -13.91 9.62 -32.51
N TYR C 146 -13.86 10.69 -31.71
CA TYR C 146 -14.88 11.74 -31.81
C TYR C 146 -14.24 13.11 -31.57
N ALA C 147 -14.82 14.12 -32.20
CA ALA C 147 -14.48 15.53 -31.97
C ALA C 147 -15.78 16.22 -31.59
N ILE C 148 -15.80 16.85 -30.41
CA ILE C 148 -17.01 17.46 -29.89
C ILE C 148 -16.67 18.85 -29.37
N PRO C 149 -17.64 19.66 -29.02
CA PRO C 149 -17.31 21.01 -28.51
C PRO C 149 -16.40 20.97 -27.29
N TYR C 150 -15.64 22.05 -27.13
CA TYR C 150 -14.58 22.11 -26.13
C TYR C 150 -15.13 21.84 -24.73
N LEU C 151 -14.38 21.05 -23.97
CA LEU C 151 -14.74 20.72 -22.59
C LEU C 151 -13.71 21.32 -21.64
N TRP C 152 -14.16 21.74 -20.47
CA TRP C 152 -13.29 22.37 -19.48
C TRP C 152 -13.21 21.50 -18.24
N ALA C 153 -12.01 21.06 -17.90
CA ALA C 153 -11.84 20.38 -16.60
C ALA C 153 -12.14 21.32 -15.45
N PHE C 154 -11.73 22.58 -15.58
CA PHE C 154 -12.11 23.67 -14.69
C PHE C 154 -12.65 24.77 -15.58
N PRO C 155 -13.65 25.50 -15.13
CA PRO C 155 -14.25 26.56 -15.98
C PRO C 155 -13.24 27.63 -16.33
N PRO C 156 -13.46 28.37 -17.44
CA PRO C 156 -12.51 29.43 -17.83
C PRO C 156 -12.24 30.43 -16.72
N ALA C 157 -13.25 30.80 -15.92
CA ALA C 157 -13.00 31.75 -14.84
C ALA C 157 -11.95 31.20 -13.88
N GLU C 158 -11.99 29.88 -13.64
CA GLU C 158 -11.01 29.30 -12.73
C GLU C 158 -9.64 29.18 -13.38
N GLN C 159 -9.57 29.04 -14.71
CA GLN C 159 -8.25 29.07 -15.33
C GLN C 159 -7.54 30.39 -15.05
N ILE C 160 -8.31 31.49 -15.03
CA ILE C 160 -7.74 32.82 -14.85
C ILE C 160 -7.58 33.18 -13.38
N PHE C 161 -8.60 32.93 -12.56
CA PHE C 161 -8.58 33.38 -11.18
C PHE C 161 -8.31 32.31 -10.14
N GLY C 162 -8.16 31.04 -10.55
CA GLY C 162 -7.72 29.98 -9.65
C GLY C 162 -8.89 29.14 -9.11
N THR C 163 -8.55 27.93 -8.63
CA THR C 163 -9.54 26.94 -8.14
C THR C 163 -9.15 26.52 -6.72
N THR C 164 -9.96 25.65 -6.11
CA THR C 164 -9.69 25.19 -4.76
C THR C 164 -9.56 23.66 -4.76
N ALA C 165 -8.71 23.15 -3.88
CA ALA C 165 -8.47 21.71 -3.82
C ALA C 165 -8.50 21.18 -2.38
N ILE C 166 -8.75 19.87 -2.25
CA ILE C 166 -8.50 19.18 -0.99
C ILE C 166 -7.67 17.94 -1.26
N VAL C 167 -7.07 17.41 -0.21
CA VAL C 167 -6.45 16.09 -0.27
C VAL C 167 -7.47 15.13 0.35
N PRO C 168 -7.87 14.08 -0.34
CA PRO C 168 -8.92 13.18 0.20
C PRO C 168 -8.51 12.52 1.52
N ARG C 169 -9.46 12.48 2.47
CA ARG C 169 -9.29 11.68 3.68
C ARG C 169 -9.45 10.19 3.39
N HIS C 170 -10.22 9.81 2.38
CA HIS C 170 -10.70 8.44 2.24
C HIS C 170 -10.25 7.71 1.02
N VAL C 171 -9.52 8.37 0.13
CA VAL C 171 -9.18 7.84 -1.18
C VAL C 171 -7.68 8.04 -1.41
N ARG C 172 -7.08 7.10 -2.15
CA ARG C 172 -5.73 7.26 -2.71
C ARG C 172 -5.78 6.90 -4.19
N ARG C 173 -4.77 7.36 -4.94
CA ARG C 173 -4.69 6.96 -6.34
C ARG C 173 -4.27 5.49 -6.46
N ALA C 174 -4.91 4.77 -7.38
CA ALA C 174 -4.46 3.43 -7.74
C ALA C 174 -2.98 3.47 -8.17
N GLY C 175 -2.21 2.47 -7.70
CA GLY C 175 -0.78 2.36 -7.98
C GLY C 175 -0.48 1.71 -9.32
N ARG C 176 0.78 1.87 -9.74
CA ARG C 176 1.19 1.38 -11.06
C ARG C 176 1.08 -0.14 -11.18
N ASN C 177 1.09 -0.85 -10.07
CA ASN C 177 0.95 -2.30 -10.05
C ASN C 177 -0.49 -2.75 -9.89
N THR C 178 -1.48 -1.85 -9.95
CA THR C 178 -2.86 -2.26 -9.87
C THR C 178 -3.49 -1.84 -11.15
N VAL C 179 -4.30 -0.77 -11.15
CA VAL C 179 -4.81 -0.13 -12.36
C VAL C 179 -3.80 0.96 -12.65
N ASP C 180 -2.93 0.73 -13.65
CA ASP C 180 -1.73 1.55 -13.83
C ASP C 180 -2.06 2.95 -14.33
N PRO C 181 -1.85 4.01 -13.55
CA PRO C 181 -2.18 5.36 -14.03
C PRO C 181 -1.23 5.83 -15.12
N THR C 182 -0.09 5.16 -15.32
CA THR C 182 0.82 5.63 -16.37
C THR C 182 0.34 5.29 -17.79
N ILE C 183 -0.70 4.47 -17.95
CA ILE C 183 -1.38 4.23 -19.22
C ILE C 183 -2.77 4.83 -19.12
N LYS C 184 -3.06 5.80 -19.99
CA LYS C 184 -4.30 6.55 -19.85
C LYS C 184 -5.49 5.61 -19.97
N ASN C 185 -6.46 5.76 -19.05
CA ASN C 185 -7.52 4.78 -18.96
C ASN C 185 -8.79 5.42 -18.44
N TYR C 186 -9.92 4.72 -18.63
CA TYR C 186 -11.25 5.14 -18.22
C TYR C 186 -11.62 4.64 -16.83
N GLN C 187 -10.68 4.04 -16.10
CA GLN C 187 -11.03 3.43 -14.82
C GLN C 187 -10.89 4.46 -13.71
N TRP C 188 -11.96 5.24 -13.52
CA TRP C 188 -11.90 6.42 -12.68
C TRP C 188 -12.45 6.20 -11.25
N GLY C 189 -12.54 4.94 -10.78
CA GLY C 189 -13.20 4.70 -9.51
C GLY C 189 -12.64 5.54 -8.38
N ASP C 190 -11.29 5.63 -8.28
CA ASP C 190 -10.69 6.45 -7.23
C ASP C 190 -10.82 7.94 -7.55
N LEU C 191 -10.66 8.29 -8.82
CA LEU C 191 -10.79 9.71 -9.21
C LEU C 191 -12.21 10.22 -8.95
N THR C 192 -13.22 9.43 -9.32
CA THR C 192 -14.62 9.79 -9.07
C THR C 192 -14.89 9.90 -7.58
N ALA C 193 -14.38 8.95 -6.80
CA ALA C 193 -14.58 9.02 -5.34
C ALA C 193 -13.94 10.29 -4.77
N ALA C 194 -12.74 10.63 -5.26
CA ALA C 194 -12.03 11.81 -4.76
C ALA C 194 -12.79 13.07 -5.12
N SER C 195 -13.38 13.12 -6.33
CA SER C 195 -14.16 14.28 -6.75
C SER C 195 -15.40 14.46 -5.89
N PHE C 196 -16.07 13.36 -5.55
CA PHE C 196 -17.23 13.47 -4.65
C PHE C 196 -16.82 13.98 -3.28
N GLU C 197 -15.68 13.51 -2.74
CA GLU C 197 -15.23 14.01 -1.45
C GLU C 197 -14.93 15.50 -1.51
N ALA C 198 -14.30 15.94 -2.59
CA ALA C 198 -14.02 17.35 -2.76
C ALA C 198 -15.32 18.15 -2.73
N LYS C 199 -16.32 17.70 -3.51
CA LYS C 199 -17.58 18.45 -3.54
C LYS C 199 -18.23 18.45 -2.17
N ASP C 200 -18.17 17.31 -1.47
CA ASP C 200 -18.73 17.24 -0.12
C ASP C 200 -18.08 18.24 0.82
N ARG C 201 -16.79 18.51 0.64
CA ARG C 201 -16.01 19.37 1.49
C ARG C 201 -15.96 20.81 0.99
N GLY C 202 -16.71 21.14 -0.05
CA GLY C 202 -16.78 22.51 -0.53
C GLY C 202 -15.62 22.96 -1.39
N ALA C 203 -14.82 22.04 -1.90
CA ALA C 203 -13.72 22.36 -2.80
C ALA C 203 -14.07 21.92 -4.20
N ARG C 204 -13.38 22.54 -5.19
CA ARG C 204 -13.63 22.18 -6.59
C ARG C 204 -13.01 20.83 -6.95
N THR C 205 -11.84 20.50 -6.39
CA THR C 205 -11.18 19.30 -6.84
C THR C 205 -10.33 18.70 -5.74
N ALA C 206 -9.68 17.57 -6.09
CA ALA C 206 -8.84 16.80 -5.20
C ALA C 206 -7.47 16.59 -5.80
N ILE C 207 -6.45 16.55 -4.95
CA ILE C 207 -5.12 16.06 -5.29
C ILE C 207 -4.91 14.77 -4.52
N LEU C 208 -4.73 13.67 -5.24
CA LEU C 208 -4.61 12.36 -4.62
C LEU C 208 -3.15 12.05 -4.33
N LEU C 209 -2.91 11.32 -3.22
CA LEU C 209 -1.60 10.75 -2.91
C LEU C 209 -1.56 9.29 -3.33
N ASP C 210 -0.34 8.75 -3.46
CA ASP C 210 -0.16 7.32 -3.70
C ASP C 210 0.04 6.59 -2.37
N SER C 211 0.37 5.29 -2.45
CA SER C 211 0.36 4.48 -1.23
C SER C 211 1.46 4.91 -0.25
N ASP C 212 2.51 5.56 -0.74
CA ASP C 212 3.61 6.02 0.10
C ASP C 212 3.47 7.49 0.52
N ASN C 213 2.29 8.08 0.34
CA ASN C 213 2.01 9.46 0.68
C ASN C 213 2.79 10.42 -0.21
N CYS C 214 3.15 10.00 -1.43
CA CYS C 214 3.69 10.92 -2.42
C CYS C 214 2.56 11.43 -3.28
N VAL C 215 2.71 12.65 -3.80
CA VAL C 215 1.69 13.16 -4.70
C VAL C 215 1.56 12.27 -5.91
N ALA C 216 0.31 12.02 -6.32
CA ALA C 216 0.05 11.24 -7.52
C ALA C 216 -0.47 12.19 -8.59
N GLU C 217 -1.75 12.41 -8.70
CA GLU C 217 -2.34 13.32 -9.68
C GLU C 217 -3.76 13.59 -9.23
N GLY C 218 -4.48 14.36 -10.02
CA GLY C 218 -5.86 14.63 -9.68
C GLY C 218 -6.80 13.97 -10.66
N PRO C 219 -8.13 14.13 -10.42
CA PRO C 219 -9.12 13.57 -11.32
C PRO C 219 -9.12 14.26 -12.68
N GLY C 220 -8.29 13.78 -13.60
CA GLY C 220 -8.19 14.35 -14.94
C GLY C 220 -7.06 15.33 -15.17
N PHE C 221 -6.07 15.37 -14.29
CA PHE C 221 -4.99 16.34 -14.48
C PHE C 221 -3.75 15.91 -13.73
N ASN C 222 -2.61 16.40 -14.20
CA ASN C 222 -1.37 16.32 -13.47
C ASN C 222 -1.29 17.52 -12.53
N VAL C 223 -0.45 17.38 -11.51
CA VAL C 223 -0.21 18.44 -10.52
C VAL C 223 1.24 18.86 -10.57
N CYS C 224 1.50 20.17 -10.64
CA CYS C 224 2.86 20.70 -10.55
C CYS C 224 2.97 21.54 -9.29
N ILE C 225 4.09 21.41 -8.62
CA ILE C 225 4.36 22.04 -7.33
C ILE C 225 5.53 23.00 -7.52
N VAL C 226 5.34 24.26 -7.12
CA VAL C 226 6.40 25.28 -7.21
C VAL C 226 6.90 25.56 -5.80
N LYS C 227 8.21 25.49 -5.62
CA LYS C 227 8.82 25.78 -4.33
C LYS C 227 10.20 26.40 -4.56
N ASP C 228 10.45 27.55 -3.92
CA ASP C 228 11.77 28.22 -4.00
C ASP C 228 12.22 28.41 -5.46
N GLY C 229 11.30 28.83 -6.31
CA GLY C 229 11.63 29.10 -7.70
C GLY C 229 11.86 27.90 -8.60
N LYS C 230 11.61 26.68 -8.12
CA LYS C 230 11.77 25.46 -8.91
C LYS C 230 10.40 24.80 -9.09
N LEU C 231 10.25 24.04 -10.18
CA LEU C 231 8.99 23.38 -10.50
C LEU C 231 9.20 21.86 -10.40
N ALA C 232 8.26 21.15 -9.77
CA ALA C 232 8.37 19.69 -9.64
C ALA C 232 7.01 19.07 -9.96
N SER C 233 7.02 17.85 -10.48
CA SER C 233 5.80 17.12 -10.75
C SER C 233 6.09 15.65 -10.52
N PRO C 234 5.11 14.90 -10.02
CA PRO C 234 5.33 13.48 -9.72
C PRO C 234 5.78 12.65 -10.91
N SER C 235 6.71 11.74 -10.62
CA SER C 235 7.28 10.84 -11.60
C SER C 235 6.65 9.45 -11.63
N ARG C 236 6.07 8.96 -10.51
CA ARG C 236 5.63 7.56 -10.48
C ARG C 236 4.16 7.34 -10.81
N ASN C 237 3.23 7.64 -9.88
CA ASN C 237 1.82 7.29 -10.07
C ASN C 237 1.02 8.43 -10.70
N ALA C 238 1.34 8.72 -11.96
CA ALA C 238 0.75 9.86 -12.66
C ALA C 238 0.87 9.60 -14.15
N LEU C 239 -0.09 10.09 -14.89
CA LEU C 239 0.00 10.01 -16.33
C LEU C 239 1.17 10.86 -16.80
N PRO C 240 1.92 10.42 -17.81
CA PRO C 240 2.92 11.33 -18.46
C PRO C 240 2.19 12.28 -19.40
N GLY C 241 1.68 13.35 -18.82
CA GLY C 241 0.76 14.22 -19.53
C GLY C 241 1.49 15.06 -20.57
N ILE C 242 0.77 15.36 -21.65
CA ILE C 242 1.32 16.24 -22.70
C ILE C 242 1.25 17.71 -22.29
N THR C 243 0.21 18.10 -21.52
CA THR C 243 0.22 19.44 -20.96
C THR C 243 1.41 19.64 -20.02
N ARG C 244 1.68 18.63 -19.18
CA ARG C 244 2.85 18.72 -18.29
C ARG C 244 4.14 18.83 -19.10
N LYS C 245 4.25 18.01 -20.15
CA LYS C 245 5.43 18.06 -21.00
C LYS C 245 5.61 19.46 -21.59
N THR C 246 4.51 20.07 -22.03
CA THR C 246 4.52 21.44 -22.56
C THR C 246 4.92 22.44 -21.48
N VAL C 247 4.35 22.29 -20.28
CA VAL C 247 4.71 23.16 -19.16
C VAL C 247 6.20 23.03 -18.82
N PHE C 248 6.76 21.81 -18.85
CA PHE C 248 8.18 21.68 -18.54
C PHE C 248 9.05 22.34 -19.62
N GLU C 249 8.62 22.25 -20.88
CA GLU C 249 9.34 22.92 -21.98
C GLU C 249 9.28 24.43 -21.83
N ILE C 250 8.11 24.98 -21.48
CA ILE C 250 7.98 26.41 -21.23
C ILE C 250 8.88 26.83 -20.08
N ALA C 251 8.86 26.04 -18.99
CA ALA C 251 9.71 26.37 -17.85
C ALA C 251 11.20 26.35 -18.24
N ASP C 252 11.60 25.36 -19.01
CA ASP C 252 13.00 25.29 -19.46
C ASP C 252 13.38 26.54 -20.24
N GLN C 253 12.52 26.98 -21.16
CA GLN C 253 12.81 28.20 -21.92
C GLN C 253 12.91 29.43 -21.02
N MET C 254 12.10 29.50 -19.95
CA MET C 254 12.15 30.58 -18.96
C MET C 254 13.34 30.49 -18.02
N GLY C 255 14.16 29.44 -18.11
CA GLY C 255 15.26 29.33 -17.17
C GLY C 255 14.88 28.74 -15.83
N ILE C 256 13.69 28.17 -15.73
CA ILE C 256 13.22 27.51 -14.52
C ILE C 256 13.60 26.05 -14.55
N GLU C 257 14.10 25.56 -13.41
CA GLU C 257 14.43 24.15 -13.25
C GLU C 257 13.13 23.41 -12.97
N ALA C 258 12.81 22.45 -13.82
CA ALA C 258 11.61 21.63 -13.69
C ALA C 258 11.99 20.16 -13.68
N THR C 259 11.54 19.43 -12.66
CA THR C 259 12.01 18.08 -12.42
C THR C 259 10.85 17.12 -12.19
N LEU C 260 10.92 15.96 -12.83
CA LEU C 260 9.95 14.87 -12.56
C LEU C 260 10.55 14.07 -11.42
N ARG C 261 9.85 14.01 -10.28
CA ARG C 261 10.43 13.36 -9.13
C ARG C 261 9.32 13.03 -8.15
N ASP C 262 9.66 12.23 -7.13
CA ASP C 262 8.73 12.05 -6.01
C ASP C 262 8.59 13.37 -5.27
N VAL C 263 7.35 13.77 -5.06
CA VAL C 263 6.99 14.96 -4.29
C VAL C 263 6.23 14.45 -3.09
N THR C 264 6.76 14.70 -1.90
CA THR C 264 6.13 14.10 -0.71
C THR C 264 4.90 14.91 -0.30
N SER C 265 4.07 14.31 0.57
CA SER C 265 2.92 15.06 1.08
C SER C 265 3.38 16.29 1.86
N HIS C 266 4.54 16.23 2.50
CA HIS C 266 5.06 17.44 3.14
C HIS C 266 5.25 18.56 2.13
N GLU C 267 5.86 18.23 1.00
CA GLU C 267 6.13 19.26 0.00
C GLU C 267 4.84 19.80 -0.60
N LEU C 268 3.82 18.95 -0.77
CA LEU C 268 2.55 19.44 -1.30
C LEU C 268 1.95 20.50 -0.37
N TYR C 269 1.96 20.25 0.94
CA TYR C 269 1.35 21.21 1.85
C TYR C 269 2.19 22.47 2.03
N ASP C 270 3.49 22.39 1.79
CA ASP C 270 4.42 23.52 1.96
C ASP C 270 4.67 24.29 0.67
N ALA C 271 3.92 24.00 -0.41
CA ALA C 271 4.21 24.59 -1.71
C ALA C 271 4.03 26.11 -1.73
N ASP C 272 4.86 26.81 -2.54
CA ASP C 272 4.61 28.22 -2.82
C ASP C 272 3.49 28.43 -3.84
N GLU C 273 3.41 27.55 -4.84
CA GLU C 273 2.32 27.58 -5.81
C GLU C 273 1.96 26.14 -6.13
N LEU C 274 0.70 25.92 -6.49
CA LEU C 274 0.20 24.63 -6.98
C LEU C 274 -0.58 24.90 -8.26
N MET C 275 -0.49 23.98 -9.23
CA MET C 275 -1.29 24.13 -10.42
C MET C 275 -1.71 22.77 -10.93
N ALA C 276 -2.86 22.75 -11.60
CA ALA C 276 -3.36 21.58 -12.30
C ALA C 276 -3.10 21.77 -13.78
N VAL C 277 -2.66 20.71 -14.46
CA VAL C 277 -2.40 20.85 -15.89
C VAL C 277 -3.05 19.69 -16.63
N THR C 278 -3.82 20.00 -17.67
CA THR C 278 -4.44 18.97 -18.46
C THR C 278 -4.83 19.53 -19.83
N THR C 279 -5.11 18.64 -20.78
CA THR C 279 -5.44 19.07 -22.14
C THR C 279 -6.71 19.92 -22.19
N ALA C 280 -7.75 19.54 -21.43
CA ALA C 280 -9.05 20.22 -21.48
C ALA C 280 -9.01 21.43 -20.56
N GLY C 281 -8.48 22.53 -21.08
CA GLY C 281 -8.45 23.80 -20.36
C GLY C 281 -7.08 24.27 -19.92
N GLY C 282 -6.04 23.44 -20.01
CA GLY C 282 -4.70 23.93 -19.79
C GLY C 282 -4.14 24.00 -18.38
N VAL C 283 -3.73 25.18 -17.96
CA VAL C 283 -2.99 25.40 -16.73
C VAL C 283 -3.90 26.14 -15.77
N THR C 284 -4.29 25.48 -14.67
CA THR C 284 -5.23 26.01 -13.70
C THR C 284 -4.52 26.29 -12.38
N PRO C 285 -4.48 27.54 -11.93
CA PRO C 285 -3.91 27.81 -10.61
C PRO C 285 -4.77 27.21 -9.52
N ILE C 286 -4.13 26.68 -8.49
CA ILE C 286 -4.82 26.17 -7.29
C ILE C 286 -4.53 27.13 -6.13
N ASN C 287 -5.57 27.89 -5.77
CA ASN C 287 -5.43 28.95 -4.78
C ASN C 287 -5.30 28.45 -3.36
N SER C 288 -5.90 27.30 -3.04
CA SER C 288 -5.95 26.89 -1.65
C SER C 288 -5.97 25.37 -1.60
N LEU C 289 -5.49 24.82 -0.48
CA LEU C 289 -5.47 23.38 -0.26
C LEU C 289 -6.02 23.13 1.13
N ASP C 290 -7.06 22.29 1.24
CA ASP C 290 -7.69 22.00 2.54
C ASP C 290 -8.12 23.30 3.23
N GLY C 291 -8.60 24.25 2.43
CA GLY C 291 -9.08 25.53 2.94
C GLY C 291 -8.02 26.54 3.34
N GLU C 292 -6.74 26.24 3.16
CA GLU C 292 -5.64 27.12 3.53
C GLU C 292 -5.03 27.72 2.27
N ALA C 293 -4.80 29.03 2.29
CA ALA C 293 -4.26 29.69 1.11
C ALA C 293 -2.90 29.11 0.75
N ILE C 294 -2.68 28.95 -0.56
CA ILE C 294 -1.35 28.71 -1.10
C ILE C 294 -0.80 30.07 -1.51
N GLY C 295 0.37 30.45 -0.98
CA GLY C 295 0.86 31.79 -1.26
C GLY C 295 -0.11 32.82 -0.74
N ASN C 296 -0.50 33.78 -1.58
CA ASN C 296 -1.46 34.81 -1.16
C ASN C 296 -2.90 34.40 -1.44
N GLY C 297 -3.13 33.14 -1.83
CA GLY C 297 -4.48 32.70 -2.10
C GLY C 297 -5.00 33.09 -3.44
N ALA C 298 -4.13 33.59 -4.31
CA ALA C 298 -4.45 33.95 -5.69
C ALA C 298 -3.40 33.29 -6.57
N PRO C 299 -3.61 33.26 -7.89
CA PRO C 299 -2.64 32.59 -8.78
C PRO C 299 -1.21 33.07 -8.60
N GLY C 300 -0.29 32.10 -8.48
CA GLY C 300 1.11 32.40 -8.27
C GLY C 300 1.77 32.95 -9.52
N PRO C 301 2.86 33.69 -9.34
CA PRO C 301 3.52 34.32 -10.50
C PRO C 301 4.06 33.34 -11.55
N MET C 302 4.67 32.23 -11.15
CA MET C 302 5.11 31.26 -12.15
C MET C 302 3.93 30.63 -12.87
N THR C 303 2.85 30.31 -12.13
CA THR C 303 1.70 29.71 -12.78
C THR C 303 1.15 30.64 -13.85
N VAL C 304 1.04 31.92 -13.53
CA VAL C 304 0.46 32.89 -14.47
C VAL C 304 1.35 33.00 -15.70
N ALA C 305 2.68 33.08 -15.50
CA ALA C 305 3.58 33.20 -16.64
C ALA C 305 3.50 31.97 -17.55
N ILE C 306 3.48 30.78 -16.95
CA ILE C 306 3.41 29.56 -17.74
C ILE C 306 2.06 29.45 -18.42
N ARG C 307 0.97 29.75 -17.70
CA ARG C 307 -0.35 29.61 -18.30
C ARG C 307 -0.50 30.54 -19.50
N ASP C 308 -0.07 31.79 -19.33
CA ASP C 308 -0.20 32.76 -20.42
C ASP C 308 0.62 32.36 -21.64
N ARG C 309 1.83 31.86 -21.43
CA ARG C 309 2.62 31.39 -22.57
C ARG C 309 1.97 30.18 -23.23
N PHE C 310 1.39 29.28 -22.42
CA PHE C 310 0.78 28.08 -22.97
C PHE C 310 -0.32 28.46 -23.96
N TRP C 311 -1.15 29.46 -23.63
CA TRP C 311 -2.22 29.82 -24.54
C TRP C 311 -1.70 30.51 -25.80
N ALA C 312 -0.58 31.24 -25.69
CA ALA C 312 0.03 31.89 -26.86
C ALA C 312 0.51 30.86 -27.88
N LEU C 313 0.92 29.66 -27.40
CA LEU C 313 1.36 28.61 -28.31
C LEU C 313 0.28 28.22 -29.28
N MET C 314 -0.97 28.44 -28.91
CA MET C 314 -2.06 27.98 -29.73
C MET C 314 -2.17 28.78 -31.02
N ASP C 315 -1.62 29.99 -31.03
CA ASP C 315 -1.69 30.88 -32.20
C ASP C 315 -0.41 31.00 -32.99
N GLU C 316 0.69 30.39 -32.55
CA GLU C 316 1.96 30.57 -33.25
C GLU C 316 2.22 29.40 -34.18
N PRO C 317 2.36 29.61 -35.49
CA PRO C 317 2.67 28.49 -36.39
C PRO C 317 4.00 27.86 -36.01
N GLY C 318 4.02 26.54 -35.97
CA GLY C 318 5.17 25.82 -35.48
C GLY C 318 4.83 24.35 -35.33
N PRO C 319 5.82 23.57 -34.89
CA PRO C 319 5.65 22.11 -34.83
C PRO C 319 4.57 21.68 -33.84
N LEU C 320 4.27 22.50 -32.83
CA LEU C 320 3.28 22.13 -31.81
C LEU C 320 1.84 22.15 -32.34
N ILE C 321 1.55 22.92 -33.37
CA ILE C 321 0.17 23.03 -33.83
C ILE C 321 0.07 22.72 -35.32
N GLU C 322 -1.12 22.30 -35.74
CA GLU C 322 -1.38 22.05 -37.18
C GLU C 322 -2.78 22.59 -37.51
N ALA C 323 -2.86 23.53 -38.46
CA ALA C 323 -4.17 24.12 -38.74
C ALA C 323 -5.10 23.08 -39.37
N ILE C 324 -6.32 22.99 -38.87
CA ILE C 324 -7.33 22.09 -39.51
C ILE C 324 -7.77 22.76 -40.82
N GLU C 325 -8.04 21.96 -41.85
CA GLU C 325 -8.60 22.59 -43.07
C GLU C 325 -10.11 22.33 -43.02
N TYR C 326 -10.91 23.39 -42.98
CA TYR C 326 -12.38 23.22 -42.86
C TYR C 326 -13.01 23.40 -44.24
N ILE D 7 39.87 -11.40 14.47
CA ILE D 7 40.59 -10.32 13.82
C ILE D 7 40.58 -10.43 12.29
N ARG D 8 40.55 -11.67 11.80
CA ARG D 8 40.54 -11.92 10.37
C ARG D 8 39.86 -13.25 10.09
N GLU D 9 39.49 -13.43 8.83
CA GLU D 9 38.93 -14.69 8.36
C GLU D 9 39.43 -14.92 6.95
N ASP D 10 39.31 -16.16 6.49
CA ASP D 10 39.82 -16.51 5.17
C ASP D 10 39.10 -15.76 4.06
N THR D 11 39.87 -15.33 3.08
CA THR D 11 39.38 -14.72 1.86
C THR D 11 39.99 -15.50 0.70
N PRO D 12 39.35 -15.51 -0.46
CA PRO D 12 39.84 -16.35 -1.58
C PRO D 12 41.24 -15.95 -1.99
N PRO D 13 42.15 -16.93 -2.13
CA PRO D 13 43.55 -16.60 -2.44
C PRO D 13 43.68 -15.92 -3.79
N GLY D 14 44.51 -14.88 -3.84
CA GLY D 14 44.70 -14.13 -5.07
C GLY D 14 43.57 -13.19 -5.43
N SER D 15 42.51 -13.13 -4.62
CA SER D 15 41.39 -12.23 -4.87
C SER D 15 41.70 -10.81 -4.40
N VAL D 16 40.85 -9.88 -4.82
CA VAL D 16 40.98 -8.47 -4.50
C VAL D 16 40.81 -8.18 -2.99
N ILE D 17 40.26 -9.12 -2.23
CA ILE D 17 40.00 -8.94 -0.80
C ILE D 17 41.03 -9.69 0.02
N GLN D 18 41.90 -8.95 0.70
CA GLN D 18 42.91 -9.59 1.58
C GLN D 18 43.02 -8.80 2.89
N TYR D 19 42.94 -9.50 4.02
CA TYR D 19 43.10 -8.86 5.36
C TYR D 19 44.56 -8.48 5.59
N SER D 20 44.79 -7.45 6.40
CA SER D 20 46.17 -7.02 6.77
C SER D 20 46.84 -8.11 7.62
N ASP D 21 48.17 -8.28 7.49
CA ASP D 21 48.86 -9.24 8.38
C ASP D 21 49.46 -8.44 9.54
N TYR D 22 48.95 -8.65 10.75
CA TYR D 22 49.41 -7.90 11.95
C TYR D 22 49.00 -8.70 13.16
N GLU D 23 49.59 -8.37 14.32
CA GLU D 23 49.16 -9.05 15.57
C GLU D 23 48.62 -8.01 16.56
N LEU D 24 47.57 -8.37 17.31
CA LEU D 24 47.09 -7.47 18.34
C LEU D 24 48.05 -7.49 19.53
N ASP D 25 48.22 -6.33 20.17
CA ASP D 25 48.99 -6.22 21.40
C ASP D 25 48.01 -6.24 22.58
N HIS D 26 47.91 -7.41 23.23
CA HIS D 26 46.93 -7.67 24.26
C HIS D 26 47.30 -7.07 25.61
N SER D 27 48.41 -6.33 25.70
CA SER D 27 48.68 -5.60 26.94
C SER D 27 47.62 -4.54 27.17
N SER D 28 47.12 -3.94 26.10
CA SER D 28 46.02 -2.99 26.20
C SER D 28 44.70 -3.74 26.31
N PRO D 29 43.84 -3.40 27.28
CA PRO D 29 42.51 -4.03 27.34
C PRO D 29 41.63 -3.66 26.15
N PHE D 30 41.87 -2.53 25.50
CA PHE D 30 41.10 -2.10 24.35
C PHE D 30 41.35 -2.92 23.09
N ALA D 31 42.41 -3.73 23.07
CA ALA D 31 42.78 -4.42 21.84
C ALA D 31 41.64 -5.29 21.33
N GLY D 32 41.26 -5.09 20.07
CA GLY D 32 40.25 -5.91 19.40
C GLY D 32 38.84 -5.35 19.40
N GLY D 33 38.53 -4.40 20.27
CA GLY D 33 37.22 -3.76 20.21
C GLY D 33 37.08 -2.61 21.20
N VAL D 34 36.59 -1.47 20.72
CA VAL D 34 36.44 -0.29 21.54
C VAL D 34 35.05 0.28 21.34
N ALA D 35 34.40 0.65 22.43
CA ALA D 35 33.12 1.34 22.42
C ALA D 35 33.28 2.65 23.18
N TRP D 36 32.60 3.69 22.70
CA TRP D 36 32.55 4.99 23.36
C TRP D 36 31.10 5.23 23.75
N ILE D 37 30.80 5.15 25.04
CA ILE D 37 29.43 5.19 25.55
C ILE D 37 29.38 6.11 26.75
N GLU D 38 28.47 7.09 26.71
CA GLU D 38 28.27 8.05 27.80
C GLU D 38 29.57 8.77 28.09
N GLY D 39 30.31 9.11 27.02
CA GLY D 39 31.55 9.89 27.17
C GLY D 39 32.78 9.08 27.52
N GLU D 40 32.66 7.76 27.70
CA GLU D 40 33.83 6.97 28.16
C GLU D 40 34.26 5.91 27.14
N PHE D 41 35.56 5.87 26.79
CA PHE D 41 36.05 4.78 25.92
C PHE D 41 36.00 3.50 26.74
N LEU D 42 35.58 2.39 26.14
CA LEU D 42 35.40 1.13 26.90
C LEU D 42 35.86 -0.07 26.09
N PRO D 43 36.30 -1.18 26.73
CA PRO D 43 36.57 -2.41 25.99
C PRO D 43 35.22 -2.87 25.45
N ALA D 44 35.18 -3.40 24.24
CA ALA D 44 33.88 -3.76 23.63
C ALA D 44 33.09 -4.73 24.52
N GLU D 45 33.77 -5.67 25.17
CA GLU D 45 33.10 -6.61 26.06
C GLU D 45 32.30 -5.89 27.14
N ASP D 46 32.77 -4.73 27.59
CA ASP D 46 32.09 -3.97 28.63
C ASP D 46 30.95 -3.11 28.12
N ALA D 47 30.83 -2.94 26.80
CA ALA D 47 29.94 -1.94 26.23
C ALA D 47 28.47 -2.24 26.53
N LYS D 48 27.83 -1.34 27.27
CA LYS D 48 26.45 -1.53 27.69
C LYS D 48 25.71 -0.19 27.62
N ILE D 49 24.40 -0.27 27.39
CA ILE D 49 23.55 0.92 27.32
C ILE D 49 22.37 0.70 28.27
N SER D 50 21.79 1.81 28.72
CA SER D 50 20.63 1.71 29.61
C SER D 50 19.46 1.00 28.93
N ILE D 51 18.83 0.04 29.60
CA ILE D 51 17.65 -0.64 28.99
C ILE D 51 16.53 0.40 28.81
N PHE D 52 16.64 1.54 29.47
CA PHE D 52 15.56 2.57 29.41
C PHE D 52 15.83 3.56 28.27
N ASP D 53 16.90 3.38 27.52
CA ASP D 53 17.11 4.29 26.36
C ASP D 53 15.93 4.10 25.39
N THR D 54 15.39 5.19 24.86
CA THR D 54 14.27 5.18 23.90
C THR D 54 14.73 4.51 22.63
N GLY D 55 16.04 4.55 22.38
CA GLY D 55 16.64 3.91 21.20
C GLY D 55 16.31 2.43 21.28
N PHE D 56 16.29 1.87 22.49
CA PHE D 56 15.84 0.46 22.62
C PHE D 56 14.31 0.36 22.56
N GLY D 57 13.58 0.97 23.50
CA GLY D 57 12.14 0.74 23.62
C GLY D 57 11.30 1.23 22.46
N HIS D 58 11.73 2.28 21.75
CA HIS D 58 11.01 2.76 20.56
C HIS D 58 11.87 2.71 19.32
N SER D 59 13.06 2.12 19.40
CA SER D 59 14.03 2.20 18.29
C SER D 59 14.14 3.62 17.73
N ASP D 60 14.15 4.60 18.66
CA ASP D 60 14.10 6.01 18.30
C ASP D 60 15.52 6.53 18.14
N LEU D 61 16.07 6.32 16.94
CA LEU D 61 17.49 6.53 16.68
C LEU D 61 17.76 6.55 15.18
N THR D 62 18.97 6.97 14.84
CA THR D 62 19.56 6.66 13.54
C THR D 62 21.03 6.33 13.74
N TYR D 63 21.68 5.86 12.68
CA TYR D 63 23.04 5.39 12.82
C TYR D 63 23.69 5.37 11.45
N THR D 64 25.00 5.16 11.44
CA THR D 64 25.68 4.82 10.20
C THR D 64 26.78 3.84 10.55
N VAL D 65 27.27 3.16 9.53
CA VAL D 65 28.39 2.24 9.70
C VAL D 65 29.41 2.59 8.64
N ALA D 66 30.67 2.76 9.04
CA ALA D 66 31.75 2.87 8.07
C ALA D 66 32.70 1.70 8.31
N HIS D 67 33.52 1.40 7.29
CA HIS D 67 34.46 0.32 7.46
C HIS D 67 35.89 0.87 7.40
N VAL D 68 36.74 0.13 8.07
CA VAL D 68 38.18 0.32 8.03
C VAL D 68 38.76 -0.89 7.33
N TRP D 69 39.64 -0.65 6.36
CA TRP D 69 40.32 -1.70 5.64
C TRP D 69 41.79 -1.32 5.49
N HIS D 70 42.68 -2.20 5.96
CA HIS D 70 44.14 -1.98 5.84
C HIS D 70 44.55 -0.69 6.55
N GLY D 71 43.90 -0.39 7.69
CA GLY D 71 44.16 0.82 8.45
C GLY D 71 43.59 2.10 7.89
N ASN D 72 42.78 2.05 6.84
CA ASN D 72 42.20 3.24 6.23
C ASN D 72 40.70 3.23 6.46
N ILE D 73 40.16 4.30 7.05
CA ILE D 73 38.71 4.48 7.18
C ILE D 73 38.16 5.07 5.90
N PHE D 74 37.00 4.56 5.44
CA PHE D 74 36.52 4.87 4.10
C PHE D 74 35.35 5.86 4.17
N ARG D 75 35.52 7.01 3.55
CA ARG D 75 34.46 8.01 3.35
C ARG D 75 33.77 8.41 4.65
N LEU D 76 34.57 8.58 5.72
CA LEU D 76 34.00 8.91 7.03
C LEU D 76 33.20 10.20 6.97
N GLY D 77 33.66 11.18 6.17
CA GLY D 77 32.97 12.45 6.11
C GLY D 77 31.56 12.32 5.57
N ASP D 78 31.41 11.51 4.50
CA ASP D 78 30.10 11.24 3.92
C ASP D 78 29.22 10.52 4.93
N HIS D 79 29.79 9.60 5.69
CA HIS D 79 28.99 8.89 6.70
C HIS D 79 28.50 9.84 7.78
N LEU D 80 29.37 10.76 8.22
CA LEU D 80 28.95 11.71 9.24
C LEU D 80 27.90 12.67 8.69
N ASP D 81 28.05 13.12 7.44
CA ASP D 81 27.03 13.98 6.86
C ASP D 81 25.69 13.28 6.82
N ARG D 82 25.67 12.01 6.40
CA ARG D 82 24.42 11.26 6.36
C ARG D 82 23.83 11.08 7.76
N LEU D 83 24.66 10.69 8.71
CA LEU D 83 24.21 10.45 10.08
C LEU D 83 23.59 11.72 10.66
N LEU D 84 24.26 12.86 10.49
CA LEU D 84 23.78 14.12 11.04
C LEU D 84 22.55 14.62 10.31
N ASP D 85 22.49 14.39 9.00
CA ASP D 85 21.32 14.81 8.24
C ASP D 85 20.07 14.04 8.67
N GLY D 86 20.17 12.72 8.83
CA GLY D 86 19.05 11.94 9.33
C GLY D 86 18.69 12.27 10.77
N ALA D 87 19.70 12.53 11.60
CA ALA D 87 19.41 12.91 12.97
C ALA D 87 18.59 14.19 13.02
N ARG D 88 18.95 15.15 12.16
CA ARG D 88 18.18 16.39 12.09
C ARG D 88 16.74 16.12 11.64
N LYS D 89 16.54 15.23 10.67
CA LYS D 89 15.18 14.88 10.25
C LYS D 89 14.38 14.22 11.38
N LEU D 90 15.04 13.49 12.30
CA LEU D 90 14.39 12.85 13.44
C LEU D 90 14.30 13.77 14.66
N ARG D 91 14.69 15.04 14.53
CA ARG D 91 14.71 15.98 15.65
C ARG D 91 15.65 15.47 16.74
N LEU D 92 16.77 14.88 16.33
CA LEU D 92 17.79 14.40 17.25
C LEU D 92 18.98 15.34 17.20
N ASP D 93 19.52 15.66 18.35
CA ASP D 93 20.69 16.51 18.46
C ASP D 93 21.83 15.69 19.08
N ALA D 94 22.85 15.38 18.27
CA ALA D 94 23.96 14.57 18.77
C ALA D 94 24.70 15.27 19.90
N GLY D 95 24.76 16.60 19.87
CA GLY D 95 25.49 17.37 20.85
C GLY D 95 26.96 17.46 20.58
N TYR D 96 27.43 16.88 19.48
CA TYR D 96 28.83 16.89 19.06
C TYR D 96 28.85 17.34 17.62
N THR D 97 29.86 18.11 17.26
CA THR D 97 30.01 18.52 15.89
C THR D 97 30.57 17.35 15.05
N LYS D 98 30.48 17.52 13.74
CA LYS D 98 30.98 16.49 12.83
C LYS D 98 32.46 16.23 13.06
N ASP D 99 33.24 17.30 13.23
CA ASP D 99 34.68 17.13 13.46
C ASP D 99 34.95 16.39 14.76
N GLU D 100 34.20 16.70 15.82
CA GLU D 100 34.39 16.00 17.09
C GLU D 100 34.06 14.52 16.97
N LEU D 101 32.97 14.17 16.28
CA LEU D 101 32.60 12.77 16.13
C LEU D 101 33.66 12.01 15.33
N ALA D 102 34.18 12.65 14.29
CA ALA D 102 35.24 12.04 13.49
C ALA D 102 36.47 11.74 14.34
N ASP D 103 36.89 12.68 15.19
CA ASP D 103 38.06 12.44 16.03
C ASP D 103 37.79 11.29 17.00
N ILE D 104 36.62 11.30 17.64
CA ILE D 104 36.29 10.22 18.56
C ILE D 104 36.22 8.88 17.83
N THR D 105 35.64 8.88 16.62
CA THR D 105 35.52 7.66 15.83
C THR D 105 36.90 7.10 15.49
N LYS D 106 37.77 7.97 14.98
CA LYS D 106 39.12 7.54 14.59
C LYS D 106 39.92 7.10 15.82
N GLN D 107 39.72 7.77 16.96
CA GLN D 107 40.36 7.31 18.19
C GLN D 107 39.85 5.93 18.59
N CYS D 108 38.55 5.66 18.40
CA CYS D 108 38.05 4.32 18.70
C CYS D 108 38.78 3.28 17.87
N VAL D 109 38.95 3.54 16.57
CA VAL D 109 39.65 2.59 15.71
C VAL D 109 41.11 2.45 16.15
N SER D 110 41.77 3.58 16.40
CA SER D 110 43.17 3.53 16.78
C SER D 110 43.36 2.70 18.03
N MET D 111 42.56 2.95 19.06
CA MET D 111 42.66 2.18 20.30
C MET D 111 42.38 0.71 20.12
N SER D 112 41.44 0.36 19.22
CA SER D 112 41.12 -1.05 19.00
C SER D 112 42.28 -1.83 18.39
N GLN D 113 43.15 -1.14 17.65
CA GLN D 113 44.29 -1.68 16.92
C GLN D 113 43.85 -2.44 15.67
N LEU D 114 42.57 -2.35 15.30
CA LEU D 114 42.02 -3.16 14.21
C LEU D 114 42.34 -2.46 12.91
N ARG D 115 42.99 -3.18 12.00
CA ARG D 115 43.26 -2.67 10.68
C ARG D 115 42.06 -2.85 9.76
N GLU D 116 41.27 -3.88 10.04
CA GLU D 116 40.00 -4.12 9.38
C GLU D 116 38.92 -4.03 10.44
N SER D 117 37.95 -3.12 10.23
CA SER D 117 37.01 -2.87 11.30
C SER D 117 35.66 -2.45 10.75
N PHE D 118 34.66 -2.77 11.55
CA PHE D 118 33.26 -2.35 11.36
C PHE D 118 33.03 -1.29 12.43
N VAL D 119 32.75 -0.07 12.00
CA VAL D 119 32.64 1.12 12.85
C VAL D 119 31.21 1.63 12.82
N ASN D 120 30.59 1.69 14.00
CA ASN D 120 29.17 2.10 14.12
C ASN D 120 29.08 3.42 14.90
N LEU D 121 28.30 4.38 14.39
CA LEU D 121 27.91 5.55 15.17
C LEU D 121 26.38 5.56 15.27
N THR D 122 25.86 5.60 16.48
CA THR D 122 24.40 5.60 16.70
C THR D 122 24.00 6.83 17.48
N VAL D 123 22.97 7.54 17.04
CA VAL D 123 22.44 8.69 17.82
C VAL D 123 21.03 8.31 18.25
N THR D 124 20.72 8.45 19.54
CA THR D 124 19.42 7.97 20.06
C THR D 124 18.72 9.08 20.82
N ARG D 125 17.40 8.97 20.95
CA ARG D 125 16.60 9.95 21.73
C ARG D 125 17.13 9.90 23.16
N GLY D 126 17.51 8.71 23.62
CA GLY D 126 18.10 8.61 24.96
C GLY D 126 17.05 8.55 26.03
N TYR D 127 17.42 8.85 27.26
CA TYR D 127 16.49 8.71 28.41
C TYR D 127 16.53 9.97 29.25
N LEU D 139 15.25 15.07 28.89
CA LEU D 139 15.58 13.96 27.99
C LEU D 139 16.83 14.28 27.13
N THR D 140 17.91 13.55 27.39
CA THR D 140 19.21 13.82 26.78
C THR D 140 19.54 12.79 25.71
N HIS D 141 19.69 13.24 24.48
CA HIS D 141 19.99 12.35 23.38
C HIS D 141 21.39 11.76 23.57
N GLN D 142 21.59 10.53 23.11
CA GLN D 142 22.83 9.79 23.35
C GLN D 142 23.53 9.47 22.05
N VAL D 143 24.86 9.54 22.07
CA VAL D 143 25.72 9.09 20.97
C VAL D 143 26.49 7.88 21.47
N TYR D 144 26.46 6.80 20.68
CA TYR D 144 27.22 5.60 20.97
C TYR D 144 28.07 5.29 19.74
N ILE D 145 29.35 4.96 19.96
CA ILE D 145 30.27 4.62 18.88
C ILE D 145 31.02 3.35 19.25
N TYR D 146 31.23 2.46 18.27
CA TYR D 146 32.09 1.32 18.51
C TYR D 146 32.85 0.95 17.23
N ALA D 147 34.06 0.44 17.43
CA ALA D 147 34.89 -0.15 16.37
C ALA D 147 35.15 -1.60 16.77
N ILE D 148 34.75 -2.53 15.91
CA ILE D 148 34.84 -3.95 16.26
C ILE D 148 35.40 -4.67 15.03
N PRO D 149 35.77 -5.95 15.13
CA PRO D 149 36.36 -6.63 13.96
C PRO D 149 35.39 -6.67 12.80
N TYR D 150 35.95 -6.69 11.59
CA TYR D 150 35.20 -6.54 10.35
C TYR D 150 34.08 -7.59 10.27
N LEU D 151 32.91 -7.14 9.81
CA LEU D 151 31.73 -7.97 9.67
C LEU D 151 31.35 -8.04 8.21
N TRP D 152 30.81 -9.20 7.79
CA TRP D 152 30.47 -9.44 6.39
C TRP D 152 28.96 -9.65 6.24
N ALA D 153 28.31 -8.79 5.44
CA ALA D 153 26.91 -9.05 5.11
C ALA D 153 26.80 -10.34 4.33
N PHE D 154 27.75 -10.58 3.44
CA PHE D 154 27.96 -11.82 2.73
C PHE D 154 29.43 -12.20 2.92
N PRO D 155 29.71 -13.48 3.08
CA PRO D 155 31.10 -13.95 3.29
C PRO D 155 32.01 -13.55 2.14
N PRO D 156 33.32 -13.45 2.41
CA PRO D 156 34.25 -13.09 1.32
C PRO D 156 34.13 -13.98 0.09
N ALA D 157 33.86 -15.27 0.28
CA ALA D 157 33.71 -16.18 -0.84
C ALA D 157 32.53 -15.78 -1.73
N GLU D 158 31.46 -15.29 -1.11
CA GLU D 158 30.32 -14.86 -1.90
C GLU D 158 30.60 -13.54 -2.59
N GLN D 159 31.47 -12.70 -2.01
CA GLN D 159 31.84 -11.48 -2.72
C GLN D 159 32.51 -11.78 -4.06
N ILE D 160 33.35 -12.82 -4.10
CA ILE D 160 34.09 -13.18 -5.31
C ILE D 160 33.26 -14.04 -6.23
N PHE D 161 32.57 -15.03 -5.69
CA PHE D 161 31.88 -16.01 -6.50
C PHE D 161 30.36 -15.84 -6.57
N GLY D 162 29.79 -14.90 -5.83
CA GLY D 162 28.38 -14.58 -5.97
C GLY D 162 27.49 -15.28 -4.93
N THR D 163 26.30 -14.72 -4.75
CA THR D 163 25.33 -15.17 -3.76
C THR D 163 24.01 -15.44 -4.48
N THR D 164 23.00 -15.89 -3.74
CA THR D 164 21.71 -16.25 -4.29
C THR D 164 20.61 -15.45 -3.61
N ALA D 165 19.54 -15.14 -4.35
CA ALA D 165 18.46 -14.34 -3.75
C ALA D 165 17.08 -14.90 -4.12
N ILE D 166 16.08 -14.52 -3.33
CA ILE D 166 14.70 -14.69 -3.71
C ILE D 166 13.98 -13.34 -3.55
N VAL D 167 12.82 -13.23 -4.19
CA VAL D 167 11.88 -12.14 -3.88
C VAL D 167 10.86 -12.73 -2.90
N PRO D 168 10.65 -12.13 -1.72
CA PRO D 168 9.71 -12.73 -0.76
C PRO D 168 8.30 -12.84 -1.31
N ARG D 169 7.67 -14.01 -1.04
CA ARG D 169 6.25 -14.17 -1.29
C ARG D 169 5.40 -13.43 -0.27
N HIS D 170 5.92 -13.25 0.93
CA HIS D 170 5.09 -12.85 2.07
C HIS D 170 5.42 -11.53 2.71
N VAL D 171 6.47 -10.86 2.24
CA VAL D 171 7.01 -9.67 2.87
C VAL D 171 7.24 -8.61 1.82
N ARG D 172 7.05 -7.35 2.22
CA ARG D 172 7.44 -6.21 1.42
C ARG D 172 8.26 -5.27 2.28
N ARG D 173 9.04 -4.38 1.65
CA ARG D 173 9.76 -3.37 2.44
C ARG D 173 8.82 -2.30 2.98
N ALA D 174 9.05 -1.89 4.24
CA ALA D 174 8.28 -0.75 4.77
C ALA D 174 8.47 0.49 3.91
N GLY D 175 7.36 1.26 3.69
CA GLY D 175 7.44 2.43 2.84
C GLY D 175 7.94 3.69 3.56
N ARG D 176 8.31 4.69 2.78
CA ARG D 176 8.86 5.92 3.33
C ARG D 176 7.89 6.64 4.25
N ASN D 177 6.57 6.40 4.12
CA ASN D 177 5.56 7.02 4.96
C ASN D 177 5.24 6.19 6.20
N THR D 178 5.99 5.10 6.47
CA THR D 178 5.74 4.29 7.65
C THR D 178 6.99 4.33 8.46
N VAL D 179 7.77 3.24 8.47
CA VAL D 179 9.13 3.25 9.00
C VAL D 179 10.05 3.58 7.84
N ASP D 180 10.55 4.81 7.79
CA ASP D 180 11.17 5.38 6.58
C ASP D 180 12.52 4.74 6.28
N PRO D 181 12.66 3.98 5.18
CA PRO D 181 13.96 3.38 4.85
C PRO D 181 15.02 4.41 4.46
N THR D 182 14.63 5.63 4.10
CA THR D 182 15.65 6.61 3.68
C THR D 182 16.43 7.22 4.84
N ILE D 183 16.04 6.98 6.10
CA ILE D 183 16.85 7.32 7.27
C ILE D 183 17.30 6.03 7.92
N LYS D 184 18.62 5.81 7.98
CA LYS D 184 19.09 4.50 8.44
C LYS D 184 18.63 4.18 9.84
N ASN D 185 18.14 2.96 10.03
CA ASN D 185 17.46 2.65 11.27
C ASN D 185 17.61 1.17 11.61
N TYR D 186 17.36 0.86 12.89
CA TYR D 186 17.48 -0.48 13.43
C TYR D 186 16.16 -1.26 13.34
N GLN D 187 15.15 -0.71 12.67
CA GLN D 187 13.85 -1.39 12.68
C GLN D 187 13.79 -2.39 11.54
N TRP D 188 14.25 -3.61 11.80
CA TRP D 188 14.45 -4.58 10.75
C TRP D 188 13.34 -5.63 10.66
N GLY D 189 12.13 -5.34 11.19
CA GLY D 189 11.11 -6.37 11.21
C GLY D 189 10.86 -6.99 9.84
N ASP D 190 10.74 -6.15 8.80
CA ASP D 190 10.52 -6.67 7.45
C ASP D 190 11.77 -7.32 6.89
N LEU D 191 12.93 -6.71 7.18
CA LEU D 191 14.19 -7.27 6.68
C LEU D 191 14.49 -8.63 7.29
N THR D 192 14.27 -8.78 8.61
CA THR D 192 14.44 -10.06 9.26
C THR D 192 13.46 -11.10 8.72
N ALA D 193 12.19 -10.70 8.53
CA ALA D 193 11.23 -11.66 8.00
C ALA D 193 11.67 -12.12 6.61
N ALA D 194 12.14 -11.20 5.80
CA ALA D 194 12.55 -11.53 4.44
C ALA D 194 13.75 -12.46 4.46
N SER D 195 14.68 -12.22 5.38
CA SER D 195 15.85 -13.10 5.51
C SER D 195 15.45 -14.51 5.91
N PHE D 196 14.50 -14.64 6.84
CA PHE D 196 14.02 -15.97 7.22
C PHE D 196 13.36 -16.67 6.07
N GLU D 197 12.54 -15.94 5.27
CA GLU D 197 11.92 -16.58 4.11
C GLU D 197 12.98 -17.03 3.13
N ALA D 198 13.98 -16.20 2.92
CA ALA D 198 15.06 -16.61 2.01
C ALA D 198 15.75 -17.88 2.51
N LYS D 199 16.06 -17.95 3.80
CA LYS D 199 16.71 -19.16 4.31
C LYS D 199 15.79 -20.37 4.20
N ASP D 200 14.51 -20.19 4.50
CA ASP D 200 13.54 -21.28 4.32
C ASP D 200 13.51 -21.78 2.89
N ARG D 201 13.74 -20.91 1.92
CA ARG D 201 13.68 -21.31 0.51
C ARG D 201 15.04 -21.70 -0.05
N GLY D 202 16.06 -21.78 0.79
CA GLY D 202 17.35 -22.21 0.31
C GLY D 202 18.18 -21.14 -0.37
N ALA D 203 17.81 -19.87 -0.26
CA ALA D 203 18.59 -18.78 -0.82
C ALA D 203 19.34 -18.07 0.28
N ARG D 204 20.39 -17.33 -0.10
CA ARG D 204 21.18 -16.61 0.90
C ARG D 204 20.49 -15.34 1.37
N THR D 205 19.76 -14.65 0.48
CA THR D 205 19.19 -13.36 0.85
C THR D 205 17.91 -13.09 0.08
N ALA D 206 17.32 -11.92 0.36
CA ALA D 206 16.07 -11.48 -0.25
C ALA D 206 16.27 -10.14 -0.90
N ILE D 207 15.55 -9.89 -2.00
CA ILE D 207 15.39 -8.55 -2.54
C ILE D 207 13.93 -8.21 -2.32
N LEU D 208 13.65 -7.16 -1.54
CA LEU D 208 12.28 -6.75 -1.26
C LEU D 208 11.76 -5.74 -2.27
N LEU D 209 10.43 -5.83 -2.52
CA LEU D 209 9.72 -4.84 -3.32
C LEU D 209 8.98 -3.87 -2.41
N ASP D 210 8.63 -2.71 -2.94
CA ASP D 210 7.76 -1.78 -2.21
C ASP D 210 6.29 -2.03 -2.59
N SER D 211 5.42 -1.16 -2.05
CA SER D 211 3.98 -1.41 -2.17
C SER D 211 3.52 -1.34 -3.61
N ASP D 212 4.27 -0.67 -4.48
CA ASP D 212 3.92 -0.58 -5.90
C ASP D 212 4.65 -1.61 -6.76
N ASN D 213 5.29 -2.61 -6.14
CA ASN D 213 6.05 -3.66 -6.82
C ASN D 213 7.29 -3.07 -7.51
N CYS D 214 7.81 -1.94 -7.02
CA CYS D 214 9.12 -1.47 -7.46
C CYS D 214 10.17 -2.04 -6.50
N VAL D 215 11.40 -2.21 -7.02
CA VAL D 215 12.46 -2.72 -6.16
C VAL D 215 12.71 -1.72 -5.04
N ALA D 216 12.91 -2.22 -3.83
CA ALA D 216 13.23 -1.39 -2.69
C ALA D 216 14.69 -1.62 -2.34
N GLU D 217 15.02 -2.58 -1.48
CA GLU D 217 16.40 -2.91 -1.11
C GLU D 217 16.37 -4.28 -0.45
N GLY D 218 17.52 -4.74 0.02
CA GLY D 218 17.61 -5.99 0.71
C GLY D 218 17.90 -5.81 2.19
N PRO D 219 17.94 -6.88 2.92
CA PRO D 219 18.24 -6.80 4.34
C PRO D 219 19.71 -6.41 4.58
N GLY D 220 19.99 -5.11 4.67
CA GLY D 220 21.33 -4.60 4.90
C GLY D 220 22.08 -4.16 3.67
N PHE D 221 21.41 -3.96 2.53
CA PHE D 221 22.15 -3.59 1.33
C PHE D 221 21.25 -2.92 0.30
N ASN D 222 21.88 -2.14 -0.58
CA ASN D 222 21.12 -1.57 -1.71
C ASN D 222 21.23 -2.58 -2.85
N VAL D 223 20.34 -2.49 -3.84
CA VAL D 223 20.37 -3.41 -5.00
C VAL D 223 20.66 -2.60 -6.26
N CYS D 224 21.61 -3.05 -7.08
CA CYS D 224 21.90 -2.39 -8.37
C CYS D 224 21.54 -3.37 -9.49
N ILE D 225 20.82 -2.89 -10.50
CA ILE D 225 20.35 -3.75 -11.61
C ILE D 225 21.07 -3.31 -12.89
N VAL D 226 21.65 -4.28 -13.61
CA VAL D 226 22.33 -3.93 -14.90
C VAL D 226 21.49 -4.49 -16.04
N LYS D 227 21.07 -3.62 -16.95
CA LYS D 227 20.37 -4.09 -18.17
C LYS D 227 20.96 -3.37 -19.39
N ASP D 228 21.32 -4.11 -20.43
CA ASP D 228 21.76 -3.44 -21.70
C ASP D 228 22.91 -2.46 -21.43
N GLY D 229 23.86 -2.81 -20.58
CA GLY D 229 25.06 -1.96 -20.38
C GLY D 229 24.80 -0.73 -19.54
N LYS D 230 23.65 -0.68 -18.86
CA LYS D 230 23.30 0.50 -18.03
C LYS D 230 23.04 0.02 -16.59
N LEU D 231 23.36 0.88 -15.62
CA LEU D 231 23.20 0.51 -14.19
C LEU D 231 22.05 1.35 -13.59
N ALA D 232 21.14 0.70 -12.88
CA ALA D 232 20.02 1.41 -12.23
C ALA D 232 19.92 0.96 -10.77
N SER D 233 19.55 1.89 -9.89
CA SER D 233 19.30 1.52 -8.47
C SER D 233 18.03 2.25 -7.99
N PRO D 234 17.22 1.66 -7.07
CA PRO D 234 15.99 2.33 -6.67
C PRO D 234 16.16 3.68 -6.00
N SER D 235 15.31 4.63 -6.39
CA SER D 235 15.37 6.02 -5.83
C SER D 235 14.43 6.29 -4.64
N ARG D 236 13.46 5.41 -4.35
CA ARG D 236 12.47 5.80 -3.31
C ARG D 236 12.64 5.03 -1.99
N ASN D 237 12.15 3.78 -1.93
CA ASN D 237 12.18 3.05 -0.64
C ASN D 237 13.52 2.35 -0.49
N ALA D 238 14.60 3.13 -0.40
CA ALA D 238 15.93 2.53 -0.19
C ALA D 238 16.79 3.52 0.58
N LEU D 239 17.77 3.00 1.31
CA LEU D 239 18.74 3.91 1.96
C LEU D 239 19.57 4.59 0.86
N PRO D 240 19.99 5.86 1.01
CA PRO D 240 20.89 6.45 0.03
C PRO D 240 22.26 5.96 0.48
N GLY D 241 22.63 4.76 0.03
CA GLY D 241 23.88 4.13 0.48
C GLY D 241 25.16 4.78 0.02
N ILE D 242 26.16 4.85 0.91
CA ILE D 242 27.52 5.35 0.54
C ILE D 242 28.18 4.40 -0.48
N THR D 243 28.01 3.09 -0.29
CA THR D 243 28.58 2.11 -1.24
C THR D 243 27.94 2.29 -2.61
N ARG D 244 26.63 2.51 -2.65
CA ARG D 244 25.92 2.74 -3.94
C ARG D 244 26.49 4.02 -4.57
N LYS D 245 26.72 5.04 -3.74
CA LYS D 245 27.27 6.31 -4.28
C LYS D 245 28.66 6.04 -4.87
N THR D 246 29.46 5.24 -4.18
CA THR D 246 30.81 4.90 -4.68
C THR D 246 30.70 4.13 -5.97
N VAL D 247 29.76 3.19 -6.06
CA VAL D 247 29.55 2.36 -7.28
C VAL D 247 29.14 3.26 -8.45
N PHE D 248 28.26 4.23 -8.20
CA PHE D 248 27.80 5.14 -9.28
C PHE D 248 28.99 5.98 -9.76
N GLU D 249 29.87 6.35 -8.84
CA GLU D 249 31.07 7.15 -9.22
C GLU D 249 32.00 6.28 -10.06
N ILE D 250 32.21 5.04 -9.64
CA ILE D 250 33.09 4.12 -10.41
C ILE D 250 32.49 3.91 -11.81
N ALA D 251 31.18 3.73 -11.88
CA ALA D 251 30.52 3.50 -13.19
C ALA D 251 30.71 4.73 -14.09
N ASP D 252 30.58 5.91 -13.51
CA ASP D 252 30.72 7.15 -14.33
C ASP D 252 32.14 7.22 -14.90
N GLN D 253 33.14 6.89 -14.07
CA GLN D 253 34.56 6.88 -14.53
C GLN D 253 34.70 5.81 -15.63
N MET D 254 34.06 4.66 -15.46
CA MET D 254 34.09 3.55 -16.45
C MET D 254 33.46 4.02 -17.78
N GLY D 255 32.41 4.84 -17.70
CA GLY D 255 31.72 5.34 -18.92
C GLY D 255 30.35 4.73 -18.92
N ILE D 256 29.97 4.17 -17.78
CA ILE D 256 28.63 3.50 -17.66
C ILE D 256 27.59 4.51 -17.14
N GLU D 257 26.44 4.57 -17.80
CA GLU D 257 25.32 5.40 -17.34
C GLU D 257 24.70 4.72 -16.11
N ALA D 258 24.65 5.45 -14.99
CA ALA D 258 24.09 4.93 -13.75
C ALA D 258 22.99 5.89 -13.30
N THR D 259 21.79 5.36 -13.03
CA THR D 259 20.64 6.22 -12.82
C THR D 259 19.90 5.77 -11.56
N LEU D 260 19.52 6.73 -10.71
CA LEU D 260 18.65 6.42 -9.57
C LEU D 260 17.21 6.62 -10.08
N ARG D 261 16.41 5.55 -10.06
CA ARG D 261 15.08 5.62 -10.64
C ARG D 261 14.24 4.49 -10.07
N ASP D 262 12.94 4.54 -10.35
CA ASP D 262 12.10 3.38 -10.04
C ASP D 262 12.48 2.25 -10.99
N VAL D 263 12.73 1.08 -10.41
CA VAL D 263 13.02 -0.15 -11.14
C VAL D 263 11.86 -1.07 -10.87
N THR D 264 11.14 -1.47 -11.91
CA THR D 264 9.93 -2.27 -11.66
C THR D 264 10.29 -3.72 -11.39
N SER D 265 9.31 -4.49 -10.89
CA SER D 265 9.55 -5.91 -10.68
C SER D 265 9.83 -6.60 -12.01
N HIS D 266 9.24 -6.11 -13.10
CA HIS D 266 9.57 -6.68 -14.40
C HIS D 266 11.04 -6.56 -14.69
N GLU D 267 11.60 -5.37 -14.44
CA GLU D 267 12.99 -5.13 -14.72
C GLU D 267 13.91 -5.96 -13.83
N LEU D 268 13.52 -6.16 -12.57
CA LEU D 268 14.32 -6.98 -11.66
C LEU D 268 14.44 -8.39 -12.22
N TYR D 269 13.31 -8.98 -12.64
CA TYR D 269 13.37 -10.37 -13.10
C TYR D 269 14.08 -10.48 -14.45
N ASP D 270 14.10 -9.41 -15.24
CA ASP D 270 14.71 -9.41 -16.57
C ASP D 270 16.16 -8.89 -16.57
N ALA D 271 16.75 -8.71 -15.39
CA ALA D 271 18.09 -8.08 -15.33
C ALA D 271 19.15 -8.91 -16.04
N ASP D 272 20.15 -8.23 -16.63
CA ASP D 272 21.35 -8.91 -17.08
C ASP D 272 22.31 -9.24 -15.93
N GLU D 273 22.41 -8.34 -14.92
CA GLU D 273 23.19 -8.60 -13.72
C GLU D 273 22.48 -7.98 -12.54
N LEU D 274 22.71 -8.55 -11.36
CA LEU D 274 22.19 -8.00 -10.12
C LEU D 274 23.34 -7.96 -9.12
N MET D 275 23.38 -6.94 -8.27
CA MET D 275 24.39 -6.94 -7.22
C MET D 275 23.82 -6.30 -5.96
N ALA D 276 24.38 -6.71 -4.85
CA ALA D 276 24.10 -6.12 -3.55
C ALA D 276 25.25 -5.24 -3.15
N VAL D 277 24.96 -4.07 -2.59
CA VAL D 277 26.07 -3.17 -2.25
C VAL D 277 25.88 -2.65 -0.84
N THR D 278 26.91 -2.74 -0.03
CA THR D 278 26.79 -2.26 1.34
C THR D 278 28.18 -2.09 1.95
N THR D 279 28.26 -1.31 3.04
CA THR D 279 29.57 -1.01 3.65
C THR D 279 30.25 -2.28 4.14
N ALA D 280 29.51 -3.21 4.75
CA ALA D 280 30.13 -4.39 5.34
C ALA D 280 30.30 -5.47 4.27
N GLY D 281 31.40 -5.37 3.51
CA GLY D 281 31.73 -6.34 2.49
C GLY D 281 31.68 -5.84 1.07
N GLY D 282 31.12 -4.66 0.80
CA GLY D 282 31.23 -4.06 -0.51
C GLY D 282 30.23 -4.48 -1.58
N VAL D 283 30.70 -4.98 -2.72
CA VAL D 283 29.90 -5.27 -3.91
C VAL D 283 29.77 -6.78 -4.06
N THR D 284 28.53 -7.32 -3.92
CA THR D 284 28.31 -8.76 -3.94
C THR D 284 27.52 -9.15 -5.18
N PRO D 285 28.05 -9.95 -6.08
CA PRO D 285 27.25 -10.38 -7.25
C PRO D 285 26.11 -11.27 -6.77
N ILE D 286 24.94 -11.12 -7.41
CA ILE D 286 23.78 -11.98 -7.12
C ILE D 286 23.57 -12.85 -8.35
N ASN D 287 23.92 -14.14 -8.21
CA ASN D 287 23.97 -15.06 -9.34
C ASN D 287 22.62 -15.50 -9.83
N SER D 288 21.62 -15.60 -8.94
CA SER D 288 20.35 -16.17 -9.33
C SER D 288 19.26 -15.50 -8.51
N LEU D 289 18.05 -15.52 -9.07
CA LEU D 289 16.89 -14.94 -8.43
C LEU D 289 15.75 -15.95 -8.51
N ASP D 290 15.19 -16.35 -7.37
CA ASP D 290 14.13 -17.37 -7.35
C ASP D 290 14.59 -18.66 -8.06
N GLY D 291 15.87 -18.97 -7.91
CA GLY D 291 16.44 -20.17 -8.50
C GLY D 291 16.73 -20.12 -9.98
N GLU D 292 16.51 -18.99 -10.64
CA GLU D 292 16.75 -18.83 -12.07
C GLU D 292 18.05 -18.06 -12.25
N ALA D 293 18.89 -18.51 -13.18
CA ALA D 293 20.14 -17.83 -13.41
C ALA D 293 19.89 -16.40 -13.83
N ILE D 294 20.70 -15.49 -13.29
CA ILE D 294 20.82 -14.14 -13.83
C ILE D 294 22.05 -14.20 -14.74
N GLY D 295 21.87 -13.86 -16.02
CA GLY D 295 23.01 -14.05 -16.94
C GLY D 295 23.35 -15.51 -16.99
N ASN D 296 24.64 -15.84 -16.85
CA ASN D 296 25.03 -17.24 -16.86
C ASN D 296 25.03 -17.84 -15.45
N GLY D 297 24.44 -17.15 -14.47
CA GLY D 297 24.39 -17.77 -13.16
C GLY D 297 25.65 -17.63 -12.35
N ALA D 298 26.59 -16.81 -12.81
CA ALA D 298 27.84 -16.49 -12.11
C ALA D 298 28.01 -14.98 -12.20
N PRO D 299 28.96 -14.41 -11.45
CA PRO D 299 29.08 -12.94 -11.42
C PRO D 299 29.20 -12.30 -12.79
N GLY D 300 28.42 -11.25 -12.99
CA GLY D 300 28.38 -10.54 -14.24
C GLY D 300 29.64 -9.72 -14.47
N PRO D 301 29.96 -9.44 -15.75
CA PRO D 301 31.19 -8.71 -16.05
C PRO D 301 31.24 -7.31 -15.47
N MET D 302 30.13 -6.56 -15.51
CA MET D 302 30.18 -5.22 -14.96
C MET D 302 30.32 -5.28 -13.44
N THR D 303 29.61 -6.22 -12.79
CA THR D 303 29.74 -6.36 -11.35
C THR D 303 31.17 -6.66 -10.94
N VAL D 304 31.83 -7.56 -11.66
CA VAL D 304 33.22 -7.92 -11.30
C VAL D 304 34.13 -6.69 -11.46
N ALA D 305 33.95 -5.96 -12.56
CA ALA D 305 34.77 -4.77 -12.80
C ALA D 305 34.59 -3.74 -11.71
N ILE D 306 33.33 -3.48 -11.31
CA ILE D 306 33.06 -2.49 -10.27
C ILE D 306 33.58 -2.97 -8.93
N ARG D 307 33.37 -4.24 -8.60
CA ARG D 307 33.79 -4.77 -7.32
C ARG D 307 35.30 -4.68 -7.15
N ASP D 308 36.03 -5.07 -8.18
CA ASP D 308 37.49 -5.00 -8.11
C ASP D 308 37.99 -3.58 -7.98
N ARG D 309 37.39 -2.66 -8.73
CA ARG D 309 37.76 -1.25 -8.59
C ARG D 309 37.42 -0.74 -7.20
N PHE D 310 36.30 -1.22 -6.62
CA PHE D 310 35.95 -0.79 -5.26
C PHE D 310 37.02 -1.19 -4.25
N TRP D 311 37.52 -2.42 -4.33
CA TRP D 311 38.51 -2.85 -3.36
C TRP D 311 39.85 -2.14 -3.58
N ALA D 312 40.17 -1.76 -4.82
CA ALA D 312 41.42 -1.02 -5.04
C ALA D 312 41.40 0.33 -4.33
N LEU D 313 40.21 0.94 -4.18
CA LEU D 313 40.13 2.23 -3.52
C LEU D 313 40.63 2.19 -2.09
N MET D 314 40.56 1.03 -1.45
CA MET D 314 40.91 0.95 -0.03
C MET D 314 42.42 1.09 0.18
N ASP D 315 43.21 0.72 -0.81
CA ASP D 315 44.66 0.75 -0.72
C ASP D 315 45.24 1.94 -1.49
N GLU D 316 44.43 2.59 -2.33
CA GLU D 316 45.02 3.63 -3.19
C GLU D 316 45.01 4.96 -2.44
N PRO D 317 46.14 5.67 -2.28
CA PRO D 317 46.03 7.01 -1.65
C PRO D 317 45.03 7.98 -2.29
N GLY D 318 44.20 8.65 -1.47
CA GLY D 318 43.20 9.57 -2.03
C GLY D 318 42.22 10.08 -0.98
N PRO D 319 41.32 10.97 -1.40
CA PRO D 319 40.40 11.61 -0.44
C PRO D 319 39.36 10.68 0.17
N LEU D 320 38.98 9.60 -0.51
CA LEU D 320 37.96 8.70 -0.02
C LEU D 320 38.43 7.95 1.21
N ILE D 321 39.74 7.84 1.42
CA ILE D 321 40.26 7.07 2.53
C ILE D 321 41.14 7.99 3.36
N GLU D 322 41.18 7.72 4.65
CA GLU D 322 42.06 8.41 5.58
C GLU D 322 42.76 7.38 6.42
N ALA D 323 44.09 7.47 6.51
CA ALA D 323 44.83 6.51 7.30
C ALA D 323 44.59 6.74 8.77
N ILE D 324 44.27 5.67 9.49
CA ILE D 324 44.20 5.74 10.94
C ILE D 324 45.62 5.78 11.48
N GLU D 325 45.80 6.52 12.56
CA GLU D 325 47.09 6.64 13.22
C GLU D 325 47.03 5.75 14.46
N TYR D 326 47.73 4.61 14.41
CA TYR D 326 47.69 3.63 15.49
C TYR D 326 48.84 3.86 16.47
N1 PLP E . -15.07 -11.07 -7.91
C2 PLP E . -15.08 -10.48 -9.15
C2A PLP E . -14.04 -9.46 -9.49
C3 PLP E . -16.12 -10.83 -10.02
O3 PLP E . -16.20 -10.28 -11.27
C4 PLP E . -17.06 -11.78 -9.66
C4A PLP E . -18.07 -12.16 -10.73
O4A PLP E . -17.59 -12.51 -11.81
C5 PLP E . -17.01 -12.41 -8.43
C6 PLP E . -16.01 -12.03 -7.53
C5A PLP E . -18.01 -13.47 -7.98
O4P PLP E . -19.22 -12.83 -7.60
P PLP E . -20.64 -13.63 -7.76
O1P PLP E . -20.85 -13.75 -9.24
O2P PLP E . -20.47 -14.98 -7.12
O3P PLP E . -21.62 -12.78 -7.06
N1 PLP F . -0.86 -1.06 20.19
C2 PLP F . 0.41 -0.66 20.44
C2A PLP F . 1.23 -0.24 19.26
C3 PLP F . 0.90 -0.70 21.76
O3 PLP F . 2.15 -0.33 22.05
C4 PLP F . 0.03 -1.11 22.78
C4A PLP F . 0.53 -1.19 24.20
O4A PLP F . 0.96 -0.13 24.66
C5 PLP F . -1.28 -1.46 22.50
C6 PLP F . -1.73 -1.45 21.18
C5A PLP F . -2.24 -1.89 23.60
O4P PLP F . -2.00 -3.24 23.93
P PLP F . -2.34 -3.75 25.45
O1P PLP F . -2.14 -5.24 25.36
O2P PLP F . -3.79 -3.39 25.74
O3P PLP F . -1.33 -3.07 26.31
N1 PLP G . -4.04 12.59 -15.46
C2 PLP G . -5.27 12.09 -15.76
C2A PLP G . -5.90 11.02 -14.87
C3 PLP G . -5.94 12.58 -16.87
O3 PLP G . -7.16 12.15 -17.22
C4 PLP G . -5.31 13.57 -17.65
C4A PLP G . -6.07 14.04 -18.89
O4A PLP G . -7.20 14.52 -18.74
C5 PLP G . -4.07 14.10 -17.30
C6 PLP G . -3.39 13.59 -16.20
C5A PLP G . -3.39 15.20 -18.17
O4P PLP G . -2.83 14.58 -19.30
P PLP G . -2.64 15.48 -20.67
O1P PLP G . -1.85 14.65 -21.60
O2P PLP G . -1.99 16.76 -20.27
O3P PLP G . -4.01 15.69 -21.17
N1 PLP H . 20.18 -0.53 3.08
C2 PLP H . 20.14 -1.01 4.37
C2A PLP H . 18.83 -1.42 5.02
C3 PLP H . 21.32 -1.13 5.12
O3 PLP H . 21.32 -1.61 6.37
C4 PLP H . 22.51 -0.77 4.50
C4A PLP H . 23.78 -0.84 5.28
O4A PLP H . 24.12 -1.92 5.74
C5 PLP H . 22.53 -0.34 3.19
C6 PLP H . 21.37 -0.21 2.46
C5A PLP H . 23.86 0.04 2.51
O4P PLP H . 24.22 1.36 2.87
P PLP H . 25.80 1.80 2.88
O1P PLP H . 26.40 1.06 3.97
O2P PLP H . 26.36 1.48 1.51
O3P PLP H . 25.79 3.28 3.13
#